data_5WSL
#
_entry.id   5WSL
#
_cell.length_a   59.210
_cell.length_b   67.088
_cell.length_c   92.857
_cell.angle_alpha   90.000
_cell.angle_beta   96.070
_cell.angle_gamma   90.000
#
_symmetry.space_group_name_H-M   'P 1 21 1'
#
loop_
_entity.id
_entity.type
_entity.pdbx_description
1 polymer keratinase
2 non-polymer 'CALCIUM ION'
3 non-polymer 'SULFATE ION'
4 water water
#
_entity_poly.entity_id   1
_entity_poly.type   'polypeptide(L)'
_entity_poly.pdbx_seq_one_letter_code
;ATQTGATWGLDRIDQRTLPLSGTFTYSNTGSGVNAYIIDTGIRVSHSEFGGRATAVFDAIGDGQNGNDCNGHGTHVAGTV
GGTVYGVAKSVRLYAVRVLNCSGSGSNSGVIAGVDWVRQNARRPAVANMSLGGGASSALDTAVNNAINAGITFALAAGNS
NRDACQFSPARVTAGITVGATTSTDARASYSNYGSCLDLFAPGSSITSAWISSDTSTNTISGTSMATPHVAGVAALYLQS
NPSASPATVRNAIVGNATSGVVSNAGRRSPNLLLYSNYENLYFQSHHHHHHWSHPQFEK
;
_entity_poly.pdbx_strand_id   A,B,C
#
loop_
_chem_comp.id
_chem_comp.type
_chem_comp.name
_chem_comp.formula
CA non-polymer 'CALCIUM ION' 'Ca 2'
SO4 non-polymer 'SULFATE ION' 'O4 S -2'
#
# COMPACT_ATOMS: atom_id res chain seq x y z
N ALA A 1 -20.72 3.46 -55.64
CA ALA A 1 -21.91 4.00 -54.96
C ALA A 1 -21.56 5.34 -54.39
N THR A 2 -22.55 6.18 -54.34
CA THR A 2 -22.36 7.55 -53.81
C THR A 2 -23.33 7.80 -52.67
N GLN A 3 -22.80 8.15 -51.47
CA GLN A 3 -23.61 8.51 -50.35
C GLN A 3 -23.83 9.98 -50.25
N THR A 4 -25.10 10.40 -50.23
CA THR A 4 -25.44 11.83 -50.18
C THR A 4 -25.66 12.18 -48.73
N GLY A 5 -25.47 13.42 -48.38
CA GLY A 5 -25.65 13.85 -47.04
C GLY A 5 -24.60 13.28 -46.07
N ALA A 6 -23.42 13.01 -46.60
CA ALA A 6 -22.36 12.34 -45.81
C ALA A 6 -21.77 13.29 -44.75
N THR A 7 -21.44 12.72 -43.58
CA THR A 7 -20.72 13.43 -42.53
C THR A 7 -19.37 13.88 -43.03
N TRP A 8 -18.81 14.91 -42.42
CA TRP A 8 -17.69 15.63 -43.09
C TRP A 8 -16.45 14.80 -43.26
N GLY A 9 -16.15 13.92 -42.27
CA GLY A 9 -14.86 13.19 -42.40
C GLY A 9 -14.90 12.22 -43.59
N LEU A 10 -15.98 11.51 -43.75
CA LEU A 10 -16.15 10.72 -44.98
C LEU A 10 -16.15 11.54 -46.25
N ASP A 11 -16.85 12.66 -46.20
CA ASP A 11 -16.89 13.59 -47.32
C ASP A 11 -15.50 14.01 -47.75
N ARG A 12 -14.66 14.28 -46.78
CA ARG A 12 -13.34 14.81 -47.10
C ARG A 12 -12.42 13.77 -47.75
N ILE A 13 -12.53 12.50 -47.34
CA ILE A 13 -11.48 11.56 -47.75
C ILE A 13 -11.64 11.07 -49.17
N ASP A 14 -12.81 11.29 -49.77
CA ASP A 14 -12.95 10.80 -51.17
C ASP A 14 -12.59 11.83 -52.21
N GLN A 15 -12.05 12.97 -51.77
CA GLN A 15 -11.68 14.04 -52.66
C GLN A 15 -10.30 14.59 -52.26
N ARG A 16 -9.56 15.16 -53.21
CA ARG A 16 -8.25 15.76 -52.90
C ARG A 16 -8.35 17.16 -52.36
N THR A 17 -9.20 17.98 -52.93
CA THR A 17 -9.26 19.39 -52.57
C THR A 17 -10.62 19.82 -52.08
N LEU A 18 -10.60 20.82 -51.22
CA LEU A 18 -11.78 21.52 -50.77
C LEU A 18 -12.37 22.36 -51.90
N PRO A 19 -13.63 22.75 -51.86
CA PRO A 19 -14.59 22.58 -50.81
C PRO A 19 -15.21 21.18 -50.76
N LEU A 20 -15.74 20.86 -49.57
CA LEU A 20 -16.48 19.62 -49.37
C LEU A 20 -17.64 19.45 -50.32
N SER A 21 -17.89 18.24 -50.77
CA SER A 21 -18.92 18.01 -51.68
C SER A 21 -20.28 17.68 -51.08
N GLY A 22 -20.34 17.34 -49.78
CA GLY A 22 -21.43 16.69 -49.14
C GLY A 22 -21.68 15.22 -49.42
N THR A 23 -20.73 14.61 -50.14
CA THR A 23 -20.89 13.26 -50.66
C THR A 23 -19.64 12.42 -50.37
N PHE A 24 -19.90 11.11 -50.18
CA PHE A 24 -18.84 10.13 -50.06
C PHE A 24 -19.08 9.03 -51.09
N THR A 25 -18.16 8.85 -52.00
CA THR A 25 -18.22 7.82 -53.06
C THR A 25 -17.26 6.69 -52.73
N TYR A 26 -17.68 5.45 -52.94
CA TYR A 26 -16.86 4.28 -52.68
C TYR A 26 -17.15 3.21 -53.74
N SER A 27 -16.10 2.60 -54.22
CA SER A 27 -16.27 1.51 -55.22
C SER A 27 -16.28 0.09 -54.59
N ASN A 28 -15.76 -0.01 -53.37
CA ASN A 28 -15.61 -1.19 -52.55
C ASN A 28 -16.30 -0.91 -51.20
N THR A 29 -16.53 -1.95 -50.43
CA THR A 29 -17.16 -1.88 -49.14
C THR A 29 -16.41 -2.55 -48.00
N GLY A 30 -15.24 -3.14 -48.28
CA GLY A 30 -14.60 -4.02 -47.31
C GLY A 30 -15.24 -5.32 -47.02
N SER A 31 -16.13 -5.74 -47.92
CA SER A 31 -16.72 -7.03 -47.85
C SER A 31 -15.55 -8.06 -47.87
N GLY A 32 -15.63 -8.98 -46.97
CA GLY A 32 -14.58 -9.99 -46.91
C GLY A 32 -13.37 -9.63 -46.08
N VAL A 33 -13.37 -8.43 -45.53
CA VAL A 33 -12.25 -7.95 -44.74
C VAL A 33 -12.67 -7.91 -43.25
N ASN A 34 -11.72 -8.15 -42.34
CA ASN A 34 -11.98 -8.24 -40.90
C ASN A 34 -11.23 -7.10 -40.18
N ALA A 35 -11.98 -6.33 -39.42
CA ALA A 35 -11.43 -5.12 -38.77
C ALA A 35 -11.54 -5.30 -37.26
N TYR A 36 -10.40 -5.38 -36.58
CA TYR A 36 -10.26 -5.65 -35.11
C TYR A 36 -10.09 -4.27 -34.40
N ILE A 37 -11.12 -3.93 -33.65
CA ILE A 37 -11.19 -2.61 -32.96
C ILE A 37 -10.70 -2.76 -31.53
N ILE A 38 -9.43 -2.41 -31.32
CA ILE A 38 -8.75 -2.59 -30.05
C ILE A 38 -9.01 -1.34 -29.19
N ASP A 39 -9.99 -1.41 -28.27
CA ASP A 39 -10.52 -0.17 -27.73
C ASP A 39 -11.36 -0.44 -26.49
N THR A 40 -12.39 0.38 -26.26
CA THR A 40 -13.22 0.24 -25.11
C THR A 40 -14.36 -0.76 -25.26
N GLY A 41 -14.32 -1.54 -26.34
CA GLY A 41 -15.45 -2.39 -26.67
C GLY A 41 -16.26 -1.93 -27.84
N ILE A 42 -17.34 -2.64 -28.16
CA ILE A 42 -18.30 -2.18 -29.19
C ILE A 42 -19.71 -2.52 -28.66
N ARG A 43 -20.65 -1.60 -28.79
CA ARG A 43 -22.08 -1.88 -28.59
C ARG A 43 -22.56 -2.54 -29.94
N VAL A 44 -22.43 -3.87 -29.95
CA VAL A 44 -22.54 -4.58 -31.20
C VAL A 44 -23.95 -4.57 -31.80
N SER A 45 -24.93 -4.33 -30.93
CA SER A 45 -26.34 -4.24 -31.37
C SER A 45 -26.66 -2.95 -32.08
N HIS A 46 -25.77 -1.95 -32.11
CA HIS A 46 -26.06 -0.69 -32.67
C HIS A 46 -26.52 -0.84 -34.14
N SER A 47 -27.50 -0.06 -34.56
CA SER A 47 -28.05 -0.12 -35.90
C SER A 47 -27.02 0.03 -36.99
N GLU A 48 -25.98 0.82 -36.73
CA GLU A 48 -24.90 1.11 -37.65
C GLU A 48 -24.19 -0.14 -38.13
N PHE A 49 -24.21 -1.21 -37.34
CA PHE A 49 -23.39 -2.38 -37.67
C PHE A 49 -24.15 -3.48 -38.38
N GLY A 50 -25.46 -3.42 -38.35
CA GLY A 50 -26.24 -4.41 -39.11
C GLY A 50 -25.87 -5.84 -38.86
N GLY A 51 -25.51 -6.22 -37.63
CA GLY A 51 -25.10 -7.58 -37.38
C GLY A 51 -23.68 -7.95 -37.72
N ARG A 52 -22.90 -7.01 -38.30
CA ARG A 52 -21.54 -7.28 -38.70
C ARG A 52 -20.46 -7.13 -37.59
N ALA A 53 -20.83 -6.68 -36.42
CA ALA A 53 -19.95 -6.57 -35.28
C ALA A 53 -20.21 -7.69 -34.29
N THR A 54 -19.11 -8.26 -33.78
CA THR A 54 -19.15 -9.24 -32.72
C THR A 54 -18.04 -8.96 -31.69
N ALA A 55 -18.30 -9.32 -30.46
CA ALA A 55 -17.31 -9.20 -29.39
C ALA A 55 -16.48 -10.45 -29.30
N VAL A 56 -15.16 -10.30 -29.24
CA VAL A 56 -14.24 -11.47 -29.27
C VAL A 56 -13.25 -11.54 -28.15
N PHE A 57 -12.97 -10.44 -27.43
CA PHE A 57 -11.90 -10.45 -26.45
C PHE A 57 -12.22 -9.37 -25.44
N ASP A 58 -11.96 -9.59 -24.18
CA ASP A 58 -12.17 -8.53 -23.12
C ASP A 58 -11.19 -8.75 -21.99
N ALA A 59 -10.21 -7.85 -21.83
CA ALA A 59 -9.25 -7.95 -20.76
C ALA A 59 -9.68 -7.24 -19.48
N ILE A 60 -10.86 -6.61 -19.46
CA ILE A 60 -11.23 -5.78 -18.32
C ILE A 60 -11.86 -6.64 -17.20
N GLY A 61 -12.69 -7.61 -17.54
CA GLY A 61 -13.22 -8.51 -16.54
C GLY A 61 -14.27 -7.91 -15.64
N ASP A 62 -14.98 -6.89 -16.12
CA ASP A 62 -16.08 -6.28 -15.39
C ASP A 62 -17.47 -6.84 -15.74
N GLY A 63 -17.50 -7.89 -16.55
CA GLY A 63 -18.77 -8.48 -16.93
C GLY A 63 -19.40 -7.93 -18.17
N GLN A 64 -18.77 -6.96 -18.85
CA GLN A 64 -19.35 -6.46 -20.09
C GLN A 64 -19.16 -7.38 -21.27
N ASN A 65 -18.19 -8.29 -21.16
CA ASN A 65 -17.94 -9.30 -22.22
C ASN A 65 -17.79 -8.64 -23.61
N GLY A 66 -16.99 -7.58 -23.65
CA GLY A 66 -16.67 -6.87 -24.87
C GLY A 66 -17.57 -5.70 -25.25
N ASN A 67 -18.71 -5.57 -24.60
CA ASN A 67 -19.63 -4.48 -24.81
C ASN A 67 -18.91 -3.18 -24.34
N ASP A 68 -19.29 -2.06 -24.91
CA ASP A 68 -18.72 -0.73 -24.60
C ASP A 68 -19.58 0.05 -23.61
N CYS A 69 -18.97 0.42 -22.50
CA CYS A 69 -19.69 1.31 -21.55
C CYS A 69 -19.03 2.65 -21.48
N ASN A 70 -18.14 3.00 -22.44
CA ASN A 70 -17.53 4.31 -22.55
C ASN A 70 -18.11 5.11 -23.74
N GLY A 71 -18.04 4.55 -24.96
CA GLY A 71 -18.53 5.10 -26.19
C GLY A 71 -17.48 5.14 -27.27
N HIS A 72 -16.24 5.27 -26.87
CA HIS A 72 -15.16 5.55 -27.77
C HIS A 72 -15.02 4.42 -28.83
N GLY A 73 -14.98 3.17 -28.34
CA GLY A 73 -14.79 2.02 -29.20
C GLY A 73 -15.92 1.87 -30.23
N THR A 74 -17.12 2.16 -29.76
CA THR A 74 -18.30 2.10 -30.67
C THR A 74 -18.24 3.18 -31.75
N HIS A 75 -17.81 4.36 -31.33
CA HIS A 75 -17.66 5.51 -32.23
C HIS A 75 -16.58 5.17 -33.31
N VAL A 76 -15.42 4.70 -32.84
CA VAL A 76 -14.36 4.25 -33.72
C VAL A 76 -14.79 3.14 -34.65
N ALA A 77 -15.45 2.13 -34.13
CA ALA A 77 -15.99 1.09 -34.99
C ALA A 77 -16.94 1.58 -36.08
N GLY A 78 -17.74 2.58 -35.66
CA GLY A 78 -18.68 3.19 -36.58
C GLY A 78 -18.03 3.94 -37.72
N THR A 79 -16.87 4.61 -37.46
CA THR A 79 -16.14 5.26 -38.50
C THR A 79 -15.50 4.23 -39.45
N VAL A 80 -15.01 3.11 -38.91
CA VAL A 80 -14.42 2.11 -39.82
C VAL A 80 -15.51 1.54 -40.73
N GLY A 81 -16.64 1.20 -40.12
CA GLY A 81 -17.58 0.28 -40.75
C GLY A 81 -19.05 0.48 -40.56
N GLY A 82 -19.48 1.58 -39.96
CA GLY A 82 -20.91 1.86 -39.90
C GLY A 82 -21.59 2.11 -41.23
N THR A 83 -22.84 1.70 -41.33
CA THR A 83 -23.59 1.93 -42.58
C THR A 83 -23.66 3.42 -43.00
N VAL A 84 -23.94 4.33 -42.06
CA VAL A 84 -24.05 5.71 -42.37
C VAL A 84 -22.74 6.46 -42.14
N TYR A 85 -22.03 6.10 -41.05
CA TYR A 85 -20.90 6.94 -40.62
C TYR A 85 -19.56 6.29 -40.96
N GLY A 86 -19.52 5.18 -41.65
CA GLY A 86 -18.34 4.42 -41.87
C GLY A 86 -17.80 4.49 -43.28
N VAL A 87 -16.50 4.19 -43.33
CA VAL A 87 -15.80 4.11 -44.63
C VAL A 87 -16.06 2.84 -45.41
N ALA A 88 -16.03 1.72 -44.73
CA ALA A 88 -16.05 0.35 -45.33
C ALA A 88 -17.32 -0.32 -44.82
N LYS A 89 -18.39 -0.06 -45.57
CA LYS A 89 -19.72 -0.34 -45.08
C LYS A 89 -20.19 -1.78 -45.06
N SER A 90 -19.37 -2.69 -45.50
CA SER A 90 -19.64 -4.13 -45.34
C SER A 90 -18.54 -4.87 -44.64
N VAL A 91 -17.61 -4.15 -44.02
CA VAL A 91 -16.57 -4.83 -43.28
C VAL A 91 -17.10 -5.59 -42.03
N ARG A 92 -16.45 -6.67 -41.62
CA ARG A 92 -16.78 -7.32 -40.35
C ARG A 92 -15.95 -6.63 -39.27
N LEU A 93 -16.57 -6.40 -38.11
CA LEU A 93 -16.01 -5.69 -37.00
C LEU A 93 -15.96 -6.56 -35.77
N TYR A 94 -14.83 -6.51 -35.05
CA TYR A 94 -14.60 -7.37 -33.93
C TYR A 94 -14.13 -6.54 -32.72
N ALA A 95 -14.82 -6.60 -31.63
CA ALA A 95 -14.46 -5.91 -30.43
C ALA A 95 -13.35 -6.63 -29.67
N VAL A 96 -12.23 -5.96 -29.50
CA VAL A 96 -11.08 -6.42 -28.72
C VAL A 96 -10.98 -5.41 -27.58
N ARG A 97 -11.69 -5.69 -26.52
CA ARG A 97 -11.87 -4.72 -25.43
C ARG A 97 -10.65 -4.73 -24.47
N VAL A 98 -9.90 -3.65 -24.49
CA VAL A 98 -8.69 -3.49 -23.62
C VAL A 98 -8.77 -2.24 -22.76
N LEU A 99 -9.88 -1.50 -22.84
CA LEU A 99 -10.04 -0.28 -22.07
C LEU A 99 -11.43 -0.37 -21.45
N ASN A 100 -11.57 0.22 -20.25
CA ASN A 100 -12.78 0.11 -19.48
C ASN A 100 -13.82 1.21 -19.68
N CYS A 101 -14.76 1.38 -18.74
CA CYS A 101 -15.79 2.41 -18.93
C CYS A 101 -15.25 3.82 -18.92
N SER A 102 -14.09 4.03 -18.29
CA SER A 102 -13.47 5.33 -18.30
C SER A 102 -12.39 5.46 -19.36
N GLY A 103 -12.28 4.50 -20.28
CA GLY A 103 -11.31 4.60 -21.33
C GLY A 103 -9.88 4.30 -20.87
N SER A 104 -9.77 3.55 -19.77
CA SER A 104 -8.47 3.25 -19.14
C SER A 104 -8.24 1.76 -19.15
N GLY A 105 -6.98 1.30 -19.31
CA GLY A 105 -6.69 -0.12 -19.20
C GLY A 105 -5.25 -0.43 -18.92
N SER A 106 -5.01 -1.55 -18.24
CA SER A 106 -3.63 -1.97 -18.06
C SER A 106 -2.92 -2.14 -19.39
N ASN A 107 -1.62 -1.74 -19.40
CA ASN A 107 -0.74 -2.07 -20.50
C ASN A 107 -0.71 -3.56 -20.80
N SER A 108 -0.75 -4.40 -19.73
CA SER A 108 -0.70 -5.83 -19.94
C SER A 108 -1.93 -6.32 -20.70
N GLY A 109 -3.09 -5.73 -20.43
CA GLY A 109 -4.32 -6.09 -21.11
C GLY A 109 -4.28 -5.65 -22.56
N VAL A 110 -3.69 -4.49 -22.85
CA VAL A 110 -3.55 -4.08 -24.22
C VAL A 110 -2.66 -5.02 -25.00
N ILE A 111 -1.49 -5.35 -24.45
CA ILE A 111 -0.65 -6.33 -25.08
C ILE A 111 -1.42 -7.66 -25.29
N ALA A 112 -2.15 -8.16 -24.29
CA ALA A 112 -2.93 -9.37 -24.46
C ALA A 112 -3.91 -9.27 -25.64
N GLY A 113 -4.52 -8.12 -25.82
CA GLY A 113 -5.45 -7.93 -26.91
C GLY A 113 -4.74 -7.97 -28.28
N VAL A 114 -3.63 -7.24 -28.37
CA VAL A 114 -2.84 -7.27 -29.62
C VAL A 114 -2.42 -8.68 -29.93
N ASP A 115 -1.94 -9.40 -28.91
CA ASP A 115 -1.45 -10.74 -29.14
C ASP A 115 -2.61 -11.66 -29.51
N TRP A 116 -3.83 -11.42 -28.98
CA TRP A 116 -5.00 -12.19 -29.39
C TRP A 116 -5.29 -12.01 -30.87
N VAL A 117 -5.17 -10.76 -31.36
CA VAL A 117 -5.42 -10.46 -32.74
C VAL A 117 -4.32 -11.13 -33.59
N ARG A 118 -3.06 -11.08 -33.15
CA ARG A 118 -2.01 -11.78 -33.89
C ARG A 118 -2.35 -13.28 -34.11
N GLN A 119 -2.76 -13.93 -33.04
CA GLN A 119 -2.97 -15.35 -33.11
C GLN A 119 -4.24 -15.74 -33.77
N ASN A 120 -5.32 -14.94 -33.66
CA ASN A 120 -6.66 -15.38 -34.01
C ASN A 120 -7.31 -14.56 -35.15
N ALA A 121 -6.71 -13.47 -35.59
CA ALA A 121 -7.36 -12.69 -36.67
C ALA A 121 -7.61 -13.53 -37.91
N ARG A 122 -8.75 -13.31 -38.51
CA ARG A 122 -9.09 -13.85 -39.85
C ARG A 122 -8.54 -12.89 -40.89
N ARG A 123 -7.77 -13.37 -41.85
CA ARG A 123 -7.14 -12.53 -42.92
C ARG A 123 -8.12 -12.46 -44.12
N PRO A 124 -8.16 -11.37 -44.87
CA PRO A 124 -7.33 -10.16 -44.69
C PRO A 124 -7.88 -9.38 -43.47
N ALA A 125 -6.94 -8.75 -42.76
CA ALA A 125 -7.29 -8.09 -41.50
C ALA A 125 -6.58 -6.75 -41.38
N VAL A 126 -7.32 -5.87 -40.74
CA VAL A 126 -6.84 -4.56 -40.26
CA VAL A 126 -6.77 -4.62 -40.22
C VAL A 126 -7.16 -4.47 -38.75
N ALA A 127 -6.26 -3.85 -37.98
CA ALA A 127 -6.52 -3.57 -36.59
C ALA A 127 -6.41 -2.09 -36.39
N ASN A 128 -7.25 -1.59 -35.49
CA ASN A 128 -7.28 -0.17 -35.17
C ASN A 128 -6.97 -0.01 -33.71
N MET A 129 -5.99 0.86 -33.43
CA MET A 129 -5.61 1.20 -32.07
C MET A 129 -5.70 2.72 -31.86
N SER A 130 -6.89 3.15 -31.48
CA SER A 130 -7.15 4.55 -31.15
C SER A 130 -6.87 4.71 -29.63
N LEU A 131 -5.66 4.37 -29.22
CA LEU A 131 -5.30 4.44 -27.81
C LEU A 131 -3.79 4.52 -27.75
N GLY A 132 -3.30 4.86 -26.59
CA GLY A 132 -1.87 4.91 -26.36
C GLY A 132 -1.56 5.29 -24.93
N GLY A 133 -0.30 5.59 -24.77
CA GLY A 133 0.26 5.96 -23.53
C GLY A 133 1.75 6.14 -23.63
N GLY A 134 2.35 6.16 -22.43
CA GLY A 134 3.82 6.23 -22.33
C GLY A 134 4.53 5.17 -23.11
N ALA A 135 5.71 5.51 -23.59
CA ALA A 135 6.55 4.57 -24.29
C ALA A 135 6.64 3.21 -23.62
N SER A 136 6.50 2.13 -24.40
CA SER A 136 6.47 0.76 -23.89
C SER A 136 7.05 -0.10 -24.97
N SER A 137 8.26 -0.53 -24.74
CA SER A 137 8.88 -1.47 -25.71
CA SER A 137 8.91 -1.51 -25.64
C SER A 137 8.10 -2.80 -25.80
N ALA A 138 7.51 -3.26 -24.70
CA ALA A 138 6.73 -4.45 -24.76
C ALA A 138 5.50 -4.31 -25.69
N LEU A 139 4.82 -3.18 -25.55
CA LEU A 139 3.66 -2.96 -26.45
C LEU A 139 4.09 -2.74 -27.91
N ASP A 140 5.14 -1.97 -28.10
CA ASP A 140 5.74 -1.84 -29.47
C ASP A 140 6.08 -3.14 -30.07
N THR A 141 6.65 -4.06 -29.27
CA THR A 141 6.99 -5.38 -29.73
C THR A 141 5.74 -6.17 -30.11
N ALA A 142 4.69 -6.07 -29.27
CA ALA A 142 3.44 -6.81 -29.58
C ALA A 142 2.83 -6.32 -30.90
N VAL A 143 2.87 -4.98 -31.09
CA VAL A 143 2.34 -4.44 -32.35
C VAL A 143 3.20 -4.84 -33.54
N ASN A 144 4.52 -4.69 -33.42
CA ASN A 144 5.38 -5.16 -34.48
C ASN A 144 5.16 -6.62 -34.83
N ASN A 145 4.99 -7.48 -33.81
CA ASN A 145 4.81 -8.89 -34.01
C ASN A 145 3.53 -9.10 -34.81
N ALA A 146 2.46 -8.42 -34.44
CA ALA A 146 1.17 -8.59 -35.14
C ALA A 146 1.25 -8.10 -36.62
N ILE A 147 1.98 -7.01 -36.86
CA ILE A 147 2.22 -6.54 -38.23
C ILE A 147 3.05 -7.55 -39.01
N ASN A 148 4.07 -8.11 -38.36
CA ASN A 148 4.87 -9.15 -39.00
C ASN A 148 4.07 -10.39 -39.32
N ALA A 149 2.96 -10.67 -38.66
CA ALA A 149 2.06 -11.69 -38.96
C ALA A 149 1.09 -11.39 -40.08
N GLY A 150 1.18 -10.19 -40.67
CA GLY A 150 0.37 -9.89 -41.86
C GLY A 150 -0.81 -8.98 -41.63
N ILE A 151 -0.98 -8.48 -40.39
CA ILE A 151 -2.13 -7.60 -40.08
C ILE A 151 -1.77 -6.13 -40.15
N THR A 152 -2.50 -5.37 -40.96
CA THR A 152 -2.26 -3.92 -41.02
C THR A 152 -2.74 -3.24 -39.73
N PHE A 153 -1.91 -2.39 -39.13
CA PHE A 153 -2.30 -1.59 -37.97
C PHE A 153 -2.38 -0.10 -38.30
N ALA A 154 -3.53 0.49 -37.88
CA ALA A 154 -3.72 1.95 -37.91
C ALA A 154 -3.61 2.39 -36.43
N LEU A 155 -2.75 3.40 -36.17
CA LEU A 155 -2.35 3.81 -34.83
C LEU A 155 -2.58 5.32 -34.64
N ALA A 156 -3.28 5.73 -33.59
CA ALA A 156 -3.46 7.15 -33.38
C ALA A 156 -2.14 7.82 -32.98
N ALA A 157 -1.93 9.01 -33.51
CA ALA A 157 -0.71 9.73 -33.12
C ALA A 157 -0.67 10.26 -31.68
N GLY A 158 -1.84 10.51 -31.12
CA GLY A 158 -2.02 11.10 -29.80
C GLY A 158 -2.37 12.62 -29.85
N ASN A 159 -2.78 13.13 -28.69
CA ASN A 159 -3.48 14.38 -28.58
C ASN A 159 -2.79 15.38 -27.62
N SER A 160 -1.50 15.40 -27.59
CA SER A 160 -0.72 16.26 -26.69
C SER A 160 -0.07 17.43 -27.41
N ASN A 161 -0.32 17.62 -28.71
CA ASN A 161 0.37 18.66 -29.50
C ASN A 161 1.88 18.57 -29.24
N ARG A 162 2.39 17.35 -29.35
CA ARG A 162 3.80 16.99 -29.12
C ARG A 162 4.28 16.11 -30.27
N ASP A 163 5.58 15.88 -30.33
CA ASP A 163 6.12 14.87 -31.23
C ASP A 163 5.65 13.48 -30.87
N ALA A 164 4.96 12.77 -31.81
CA ALA A 164 4.44 11.45 -31.59
C ALA A 164 5.47 10.38 -31.32
N CYS A 165 6.72 10.64 -31.62
CA CYS A 165 7.75 9.58 -31.45
C CYS A 165 8.00 9.20 -29.99
N GLN A 166 7.48 9.98 -29.05
CA GLN A 166 7.64 9.72 -27.59
C GLN A 166 6.66 8.69 -27.06
N PHE A 167 5.65 8.33 -27.85
CA PHE A 167 4.49 7.53 -27.36
C PHE A 167 4.39 6.17 -27.99
N SER A 168 3.79 5.24 -27.26
CA SER A 168 3.52 3.92 -27.79
C SER A 168 1.99 3.68 -27.82
N PRO A 169 1.48 3.04 -28.90
CA PRO A 169 2.23 2.53 -30.01
C PRO A 169 2.46 3.47 -31.19
N ALA A 170 2.22 4.77 -31.07
CA ALA A 170 2.36 5.66 -32.21
C ALA A 170 3.75 5.59 -32.83
N ARG A 171 4.79 5.36 -32.03
CA ARG A 171 6.14 5.34 -32.56
C ARG A 171 6.52 4.07 -33.31
N VAL A 172 5.61 3.10 -33.39
CA VAL A 172 5.92 1.86 -34.16
C VAL A 172 5.95 2.21 -35.66
N THR A 173 7.14 2.13 -36.31
CA THR A 173 7.28 2.59 -37.69
C THR A 173 6.46 1.81 -38.68
N ALA A 174 6.36 0.48 -38.52
CA ALA A 174 5.63 -0.35 -39.47
C ALA A 174 4.11 -0.17 -39.42
N GLY A 175 3.59 0.51 -38.37
CA GLY A 175 2.14 0.75 -38.28
C GLY A 175 1.82 2.02 -39.04
N ILE A 176 0.60 2.23 -39.41
CA ILE A 176 0.24 3.49 -40.07
C ILE A 176 -0.23 4.47 -38.97
N THR A 177 0.63 5.49 -38.68
CA THR A 177 0.40 6.36 -37.55
C THR A 177 -0.34 7.62 -38.12
N VAL A 178 -1.44 8.01 -37.47
CA VAL A 178 -2.38 8.98 -38.05
C VAL A 178 -2.60 10.22 -37.16
N GLY A 179 -2.25 11.36 -37.74
CA GLY A 179 -2.61 12.65 -37.12
C GLY A 179 -3.97 13.14 -37.54
N ALA A 180 -4.50 14.14 -36.83
CA ALA A 180 -5.84 14.66 -37.04
C ALA A 180 -5.89 16.01 -37.73
N THR A 181 -6.85 16.18 -38.58
CA THR A 181 -7.20 17.44 -39.21
C THR A 181 -8.63 17.86 -38.92
N THR A 182 -8.85 19.13 -39.17
CA THR A 182 -10.17 19.75 -39.09
C THR A 182 -10.78 19.94 -40.46
N SER A 183 -12.03 20.37 -40.50
CA SER A 183 -12.75 20.54 -41.73
C SER A 183 -12.19 21.61 -42.64
N THR A 184 -11.33 22.50 -42.12
CA THR A 184 -10.63 23.46 -42.94
C THR A 184 -9.27 23.04 -43.41
N ASP A 185 -8.94 21.77 -43.19
CA ASP A 185 -7.60 21.17 -43.47
C ASP A 185 -6.44 21.67 -42.61
N ALA A 186 -6.76 22.32 -41.50
CA ALA A 186 -5.73 22.59 -40.54
C ALA A 186 -5.43 21.33 -39.73
N ARG A 187 -4.18 21.14 -39.34
CA ARG A 187 -3.91 20.15 -38.31
C ARG A 187 -4.72 20.55 -37.07
N ALA A 188 -5.41 19.61 -36.45
CA ALA A 188 -6.13 19.94 -35.19
C ALA A 188 -5.15 20.43 -34.11
N SER A 189 -5.65 21.35 -33.29
CA SER A 189 -4.85 21.96 -32.24
C SER A 189 -4.15 21.00 -31.29
N TYR A 190 -4.81 19.89 -30.99
CA TYR A 190 -4.29 18.88 -30.08
C TYR A 190 -3.44 17.79 -30.76
N SER A 191 -3.45 17.77 -32.08
CA SER A 191 -2.81 16.59 -32.74
C SER A 191 -1.33 16.54 -32.51
N ASN A 192 -0.81 15.39 -32.13
CA ASN A 192 0.60 15.12 -32.24
C ASN A 192 1.09 15.21 -33.71
N TYR A 193 2.38 15.36 -33.89
CA TYR A 193 2.94 15.68 -35.19
C TYR A 193 4.31 15.02 -35.28
N GLY A 194 4.98 15.20 -36.42
CA GLY A 194 6.37 14.77 -36.59
C GLY A 194 6.58 13.57 -37.46
N SER A 195 7.82 13.12 -37.47
CA SER A 195 8.29 12.18 -38.46
C SER A 195 7.77 10.78 -38.20
N CYS A 196 7.18 10.49 -37.05
CA CYS A 196 6.57 9.20 -36.80
C CYS A 196 5.16 9.09 -37.39
N LEU A 197 4.53 10.19 -37.79
CA LEU A 197 3.28 10.17 -38.53
C LEU A 197 3.52 9.60 -39.91
N ASP A 198 2.50 8.90 -40.43
CA ASP A 198 2.47 8.56 -41.86
C ASP A 198 1.68 9.59 -42.65
N LEU A 199 0.54 10.02 -42.09
CA LEU A 199 -0.36 10.92 -42.77
C LEU A 199 -1.38 11.46 -41.79
N PHE A 200 -2.21 12.38 -42.25
CA PHE A 200 -3.33 12.90 -41.48
C PHE A 200 -4.64 12.38 -42.03
N ALA A 201 -5.69 12.45 -41.20
CA ALA A 201 -7.05 12.17 -41.63
C ALA A 201 -8.00 13.02 -40.79
N PRO A 202 -9.28 13.11 -41.16
CA PRO A 202 -10.25 13.89 -40.39
C PRO A 202 -10.38 13.44 -38.96
N GLY A 203 -10.17 14.33 -37.98
CA GLY A 203 -10.21 13.95 -36.57
C GLY A 203 -11.05 14.88 -35.67
N SER A 204 -11.31 16.12 -36.09
CA SER A 204 -12.11 16.98 -35.23
C SER A 204 -13.56 17.00 -35.61
N SER A 205 -14.44 16.92 -34.62
CA SER A 205 -15.91 16.98 -34.83
C SER A 205 -16.34 15.93 -35.82
N ILE A 206 -16.00 14.70 -35.46
CA ILE A 206 -16.42 13.48 -36.23
C ILE A 206 -17.66 12.85 -35.64
N THR A 207 -18.65 12.64 -36.48
CA THR A 207 -19.90 12.03 -36.04
C THR A 207 -19.91 10.51 -36.33
N SER A 208 -20.31 9.74 -35.35
CA SER A 208 -20.41 8.27 -35.46
C SER A 208 -21.31 7.76 -34.35
N ALA A 209 -21.45 6.44 -34.27
CA ALA A 209 -22.30 5.76 -33.28
C ALA A 209 -21.86 6.06 -31.88
N TRP A 210 -22.79 5.94 -30.95
CA TRP A 210 -22.50 6.03 -29.53
C TRP A 210 -23.20 4.92 -28.75
N ILE A 211 -23.15 4.97 -27.42
CA ILE A 211 -23.57 3.86 -26.55
C ILE A 211 -24.84 4.08 -25.76
N SER A 212 -25.45 5.26 -25.90
CA SER A 212 -26.63 5.52 -25.06
C SER A 212 -27.82 4.69 -25.51
N SER A 213 -27.79 4.29 -26.77
CA SER A 213 -28.85 3.41 -27.32
C SER A 213 -28.37 2.93 -28.69
N ASP A 214 -29.14 2.02 -29.32
CA ASP A 214 -28.80 1.49 -30.60
C ASP A 214 -29.00 2.36 -31.76
N THR A 215 -29.50 3.59 -31.59
CA THR A 215 -29.54 4.60 -32.64
C THR A 215 -28.80 5.89 -32.24
N SER A 216 -28.08 5.83 -31.15
CA SER A 216 -27.40 7.06 -30.66
C SER A 216 -26.17 7.39 -31.49
N THR A 217 -25.81 8.65 -31.43
CA THR A 217 -24.64 9.21 -32.14
C THR A 217 -23.94 10.19 -31.20
N ASN A 218 -22.68 10.48 -31.51
CA ASN A 218 -21.98 11.54 -30.82
C ASN A 218 -21.01 12.13 -31.80
N THR A 219 -20.62 13.37 -31.58
CA THR A 219 -19.67 14.13 -32.40
C THR A 219 -18.52 14.62 -31.53
N ILE A 220 -17.38 13.97 -31.66
CA ILE A 220 -16.21 14.19 -30.77
C ILE A 220 -14.95 14.31 -31.65
N SER A 221 -13.86 14.64 -30.96
CA SER A 221 -12.60 14.90 -31.63
C SER A 221 -11.45 14.11 -31.06
N GLY A 222 -10.47 13.81 -31.88
CA GLY A 222 -9.25 13.21 -31.46
C GLY A 222 -8.50 12.56 -32.55
N THR A 223 -7.20 12.29 -32.34
CA THR A 223 -6.55 11.36 -33.23
C THR A 223 -7.20 9.97 -33.20
N SER A 224 -7.95 9.62 -32.16
CA SER A 224 -8.72 8.44 -32.11
C SER A 224 -9.79 8.38 -33.20
N MET A 225 -10.27 9.52 -33.67
CA MET A 225 -11.31 9.60 -34.72
C MET A 225 -10.69 9.63 -36.10
N ALA A 226 -9.43 10.11 -36.21
CA ALA A 226 -8.75 10.12 -37.48
C ALA A 226 -8.36 8.70 -37.92
N THR A 227 -7.84 7.95 -36.94
CA THR A 227 -7.29 6.64 -37.17
C THR A 227 -8.26 5.68 -37.92
N PRO A 228 -9.52 5.62 -37.48
CA PRO A 228 -10.43 4.66 -38.14
C PRO A 228 -10.79 5.01 -39.55
N HIS A 229 -10.59 6.27 -39.97
CA HIS A 229 -10.80 6.56 -41.43
C HIS A 229 -9.68 5.86 -42.22
N VAL A 230 -8.47 5.82 -41.66
CA VAL A 230 -7.34 5.11 -42.29
C VAL A 230 -7.61 3.63 -42.26
N ALA A 231 -8.06 3.11 -41.13
CA ALA A 231 -8.34 1.68 -41.06
C ALA A 231 -9.40 1.32 -42.09
N GLY A 232 -10.44 2.15 -42.23
CA GLY A 232 -11.46 1.92 -43.21
C GLY A 232 -10.92 1.85 -44.62
N VAL A 233 -10.06 2.80 -45.01
CA VAL A 233 -9.53 2.79 -46.32
C VAL A 233 -8.64 1.58 -46.51
N ALA A 234 -7.93 1.18 -45.50
CA ALA A 234 -7.14 -0.04 -45.61
C ALA A 234 -8.05 -1.24 -45.91
N ALA A 235 -9.22 -1.28 -45.32
CA ALA A 235 -10.16 -2.35 -45.56
C ALA A 235 -10.61 -2.26 -47.02
N LEU A 236 -10.86 -1.08 -47.57
CA LEU A 236 -11.26 -0.94 -48.96
C LEU A 236 -10.19 -1.48 -49.85
N TYR A 237 -8.95 -1.18 -49.52
CA TYR A 237 -7.84 -1.62 -50.34
C TYR A 237 -7.71 -3.12 -50.26
N LEU A 238 -7.81 -3.69 -49.05
CA LEU A 238 -7.67 -5.11 -48.84
C LEU A 238 -8.78 -5.91 -49.48
N GLN A 239 -9.95 -5.37 -49.70
CA GLN A 239 -10.98 -6.11 -50.41
C GLN A 239 -10.50 -6.41 -51.84
N SER A 240 -9.88 -5.44 -52.48
CA SER A 240 -9.33 -5.66 -53.84
C SER A 240 -7.99 -6.42 -53.84
N ASN A 241 -7.24 -6.37 -52.75
CA ASN A 241 -5.88 -6.86 -52.65
C ASN A 241 -5.74 -7.67 -51.35
N PRO A 242 -6.46 -8.79 -51.23
CA PRO A 242 -6.55 -9.47 -49.94
C PRO A 242 -5.24 -10.06 -49.45
N SER A 243 -4.30 -10.33 -50.34
CA SER A 243 -3.00 -10.86 -49.93
CA SER A 243 -2.99 -10.86 -49.98
C SER A 243 -1.92 -9.81 -49.70
N ALA A 244 -2.29 -8.55 -49.72
CA ALA A 244 -1.30 -7.49 -49.54
C ALA A 244 -0.72 -7.46 -48.13
N SER A 245 0.57 -7.33 -48.07
CA SER A 245 1.25 -7.26 -46.80
C SER A 245 0.99 -5.88 -46.17
N PRO A 246 1.19 -5.77 -44.86
CA PRO A 246 1.13 -4.40 -44.27
C PRO A 246 2.04 -3.38 -44.94
N ALA A 247 3.25 -3.75 -45.32
CA ALA A 247 4.09 -2.76 -45.99
C ALA A 247 3.45 -2.27 -47.31
N THR A 248 2.88 -3.19 -48.07
CA THR A 248 2.25 -2.82 -49.33
C THR A 248 1.02 -1.92 -49.06
N VAL A 249 0.20 -2.27 -48.07
CA VAL A 249 -0.97 -1.44 -47.71
C VAL A 249 -0.54 -0.04 -47.31
N ARG A 250 0.49 0.03 -46.46
CA ARG A 250 0.97 1.34 -45.98
C ARG A 250 1.50 2.14 -47.16
N ASN A 251 2.24 1.50 -48.05
CA ASN A 251 2.73 2.26 -49.19
C ASN A 251 1.58 2.72 -50.09
N ALA A 252 0.58 1.93 -50.30
CA ALA A 252 -0.62 2.29 -51.10
C ALA A 252 -1.40 3.44 -50.48
N ILE A 253 -1.56 3.45 -49.16
CA ILE A 253 -2.28 4.53 -48.49
C ILE A 253 -1.43 5.81 -48.52
N VAL A 254 -0.19 5.71 -48.17
CA VAL A 254 0.64 6.91 -48.13
C VAL A 254 0.89 7.45 -49.53
N GLY A 255 1.10 6.53 -50.48
CA GLY A 255 1.39 6.92 -51.91
C GLY A 255 0.20 7.53 -52.58
N ASN A 256 -1.00 7.18 -52.18
CA ASN A 256 -2.23 7.78 -52.76
C ASN A 256 -2.64 9.10 -52.13
N ALA A 257 -2.08 9.40 -50.98
CA ALA A 257 -2.54 10.56 -50.16
C ALA A 257 -2.28 11.86 -50.90
N THR A 258 -3.14 12.80 -50.54
CA THR A 258 -3.12 14.14 -51.10
C THR A 258 -1.99 14.93 -50.47
N SER A 259 -1.08 15.50 -51.27
CA SER A 259 0.06 16.23 -50.68
C SER A 259 -0.13 17.74 -50.61
N GLY A 260 0.32 18.34 -49.53
CA GLY A 260 0.44 19.77 -49.51
C GLY A 260 -0.76 20.52 -49.01
N VAL A 261 -1.81 19.85 -48.56
CA VAL A 261 -3.05 20.56 -48.18
C VAL A 261 -3.21 20.79 -46.69
N VAL A 262 -2.38 20.20 -45.84
CA VAL A 262 -2.59 20.33 -44.40
C VAL A 262 -1.87 21.59 -43.92
N SER A 263 -2.58 22.51 -43.28
CA SER A 263 -1.95 23.72 -42.77
CA SER A 263 -1.97 23.74 -42.73
C SER A 263 -1.48 23.52 -41.36
N ASN A 264 -0.39 24.19 -41.03
CA ASN A 264 0.22 24.07 -39.71
C ASN A 264 0.43 22.60 -39.27
N ALA A 265 1.06 21.88 -40.18
CA ALA A 265 1.19 20.44 -39.98
C ALA A 265 2.13 20.03 -38.86
N GLY A 266 2.95 20.96 -38.35
CA GLY A 266 3.92 20.74 -37.31
C GLY A 266 5.27 20.26 -37.80
N ARG A 267 6.26 20.48 -36.95
CA ARG A 267 7.60 20.17 -37.30
C ARG A 267 7.80 18.72 -37.72
N ARG A 268 8.45 18.57 -38.87
CA ARG A 268 8.86 17.27 -39.49
C ARG A 268 7.66 16.33 -39.89
N SER A 269 6.43 16.81 -39.88
CA SER A 269 5.27 16.03 -40.25
C SER A 269 5.26 15.80 -41.79
N PRO A 270 4.80 14.63 -42.23
CA PRO A 270 4.49 14.44 -43.64
C PRO A 270 3.24 15.22 -44.01
N ASN A 271 3.29 16.05 -45.03
CA ASN A 271 2.09 16.84 -45.38
C ASN A 271 1.18 16.06 -46.34
N LEU A 272 0.45 15.15 -45.77
CA LEU A 272 -0.28 14.15 -46.53
C LEU A 272 -1.61 13.96 -45.86
N LEU A 273 -2.64 13.92 -46.66
CA LEU A 273 -4.01 13.74 -46.16
C LEU A 273 -4.65 12.51 -46.85
N LEU A 274 -5.19 11.60 -46.06
CA LEU A 274 -5.88 10.43 -46.55
C LEU A 274 -6.79 10.66 -47.74
N TYR A 275 -6.69 9.78 -48.75
CA TYR A 275 -7.50 9.80 -49.93
C TYR A 275 -7.92 8.35 -50.26
N SER A 276 -9.17 8.16 -50.50
CA SER A 276 -9.78 6.83 -50.60
C SER A 276 -9.90 6.25 -52.00
N ASN A 277 -9.59 7.01 -53.06
CA ASN A 277 -9.92 6.56 -54.44
C ASN A 277 -8.78 5.74 -54.99
N TYR A 278 -9.06 4.47 -55.30
CA TYR A 278 -8.18 3.56 -56.01
C TYR A 278 -8.89 3.16 -57.32
N GLU A 279 -8.12 3.20 -58.39
CA GLU A 279 -8.60 2.81 -59.71
C GLU A 279 -8.64 1.30 -59.88
N ASN A 280 -9.44 0.83 -60.85
CA ASN A 280 -9.54 -0.60 -61.18
C ASN A 280 -9.69 -0.85 -62.66
N LEU A 281 -9.32 -2.03 -63.08
CA LEU A 281 -9.55 -2.40 -64.49
C LEU A 281 -11.06 -2.37 -64.78
N TYR A 282 -11.38 -2.06 -66.03
CA TYR A 282 -12.78 -2.05 -66.49
C TYR A 282 -12.99 -2.84 -67.77
N ALA B 1 4.08 13.19 -19.39
CA ALA B 1 5.22 13.95 -18.87
C ALA B 1 6.34 12.99 -18.56
N THR B 2 7.60 13.39 -18.73
CA THR B 2 8.76 12.54 -18.41
C THR B 2 9.67 13.30 -17.49
N GLN B 3 9.90 12.72 -16.32
CA GLN B 3 10.81 13.32 -15.37
C GLN B 3 12.18 12.71 -15.61
N THR B 4 13.15 13.56 -15.88
CA THR B 4 14.53 13.11 -16.04
C THR B 4 15.29 13.21 -14.70
N GLY B 5 16.43 12.56 -14.57
CA GLY B 5 17.11 12.48 -13.34
C GLY B 5 16.31 11.83 -12.21
N ALA B 6 15.40 10.93 -12.54
CA ALA B 6 14.54 10.31 -11.55
C ALA B 6 15.29 9.37 -10.60
N THR B 7 14.86 9.36 -9.35
CA THR B 7 15.37 8.42 -8.34
C THR B 7 15.04 6.97 -8.79
N TRP B 8 15.75 6.00 -8.28
CA TRP B 8 15.73 4.68 -8.92
C TRP B 8 14.39 4.00 -8.73
N GLY B 9 13.70 4.19 -7.61
CA GLY B 9 12.45 3.45 -7.45
C GLY B 9 11.35 3.93 -8.42
N LEU B 10 11.22 5.23 -8.57
CA LEU B 10 10.35 5.81 -9.62
C LEU B 10 10.75 5.32 -10.98
N ASP B 11 12.06 5.38 -11.21
CA ASP B 11 12.61 5.01 -12.55
C ASP B 11 12.25 3.59 -12.88
N ARG B 12 12.30 2.69 -11.89
CA ARG B 12 12.01 1.29 -12.11
C ARG B 12 10.60 0.97 -12.40
N ILE B 13 9.67 1.68 -11.79
CA ILE B 13 8.26 1.24 -11.87
C ILE B 13 7.56 1.60 -13.17
N ASP B 14 8.13 2.51 -13.96
CA ASP B 14 7.57 2.84 -15.27
C ASP B 14 8.14 2.09 -16.48
N GLN B 15 8.85 1.00 -16.16
CA GLN B 15 9.42 0.17 -17.16
C GLN B 15 9.35 -1.26 -16.76
N ARG B 16 9.24 -2.18 -17.73
CA ARG B 16 9.20 -3.57 -17.43
C ARG B 16 10.55 -4.20 -17.14
N THR B 17 11.53 -3.87 -17.96
CA THR B 17 12.84 -4.55 -17.76
C THR B 17 13.95 -3.53 -17.58
N LEU B 18 14.99 -3.98 -16.92
CA LEU B 18 16.21 -3.23 -16.80
C LEU B 18 16.92 -3.16 -18.16
N PRO B 19 17.90 -2.29 -18.34
CA PRO B 19 18.47 -1.38 -17.31
C PRO B 19 17.59 -0.18 -17.07
N LEU B 20 17.84 0.44 -15.92
CA LEU B 20 17.20 1.71 -15.56
C LEU B 20 17.43 2.78 -16.62
N SER B 21 16.41 3.59 -16.85
CA SER B 21 16.46 4.60 -17.87
C SER B 21 16.85 5.98 -17.39
N GLY B 22 16.86 6.20 -16.07
CA GLY B 22 17.05 7.52 -15.54
C GLY B 22 15.80 8.42 -15.52
N THR B 23 14.72 7.82 -15.97
CA THR B 23 13.51 8.60 -16.24
C THR B 23 12.24 7.94 -15.66
N PHE B 24 11.27 8.80 -15.29
CA PHE B 24 9.96 8.38 -14.80
C PHE B 24 8.90 9.11 -15.63
N THR B 25 8.13 8.37 -16.38
CA THR B 25 7.02 8.92 -17.20
C THR B 25 5.68 8.65 -16.58
N TYR B 26 4.79 9.65 -16.62
CA TYR B 26 3.51 9.58 -16.01
C TYR B 26 2.49 10.32 -16.86
N SER B 27 1.28 9.78 -17.00
CA SER B 27 0.24 10.39 -17.77
C SER B 27 -0.75 11.12 -16.85
N ASN B 28 -0.82 10.70 -15.60
CA ASN B 28 -1.72 11.09 -14.56
C ASN B 28 -0.87 11.60 -13.38
N THR B 29 -1.52 12.22 -12.41
CA THR B 29 -0.85 12.81 -11.26
C THR B 29 -1.52 12.45 -9.92
N GLY B 30 -2.61 11.69 -9.94
CA GLY B 30 -3.44 11.56 -8.76
C GLY B 30 -4.24 12.78 -8.30
N SER B 31 -4.38 13.78 -9.16
CA SER B 31 -5.23 14.89 -8.90
C SER B 31 -6.66 14.40 -8.57
N GLY B 32 -7.21 14.95 -7.54
CA GLY B 32 -8.52 14.51 -7.07
C GLY B 32 -8.56 13.25 -6.21
N VAL B 33 -7.41 12.64 -5.95
CA VAL B 33 -7.37 11.43 -5.13
C VAL B 33 -6.78 11.79 -3.77
N ASN B 34 -7.21 11.07 -2.74
CA ASN B 34 -6.85 11.34 -1.32
C ASN B 34 -6.10 10.16 -0.79
N ALA B 35 -4.89 10.41 -0.32
CA ALA B 35 -3.99 9.36 0.19
C ALA B 35 -3.78 9.57 1.68
N TYR B 36 -4.15 8.56 2.47
CA TYR B 36 -4.12 8.61 3.93
C TYR B 36 -2.88 7.79 4.37
N ILE B 37 -1.95 8.53 4.94
CA ILE B 37 -0.63 7.94 5.31
C ILE B 37 -0.69 7.61 6.80
N ILE B 38 -0.82 6.33 7.08
CA ILE B 38 -0.96 5.83 8.43
C ILE B 38 0.38 5.48 8.94
N ASP B 39 1.02 6.35 9.73
CA ASP B 39 2.46 6.26 9.94
C ASP B 39 2.91 7.18 11.11
N THR B 40 4.15 7.66 11.06
CA THR B 40 4.72 8.46 12.10
C THR B 40 4.31 9.96 12.03
N GLY B 41 3.39 10.32 11.11
CA GLY B 41 3.09 11.71 10.80
C GLY B 41 3.62 12.17 9.48
N ILE B 42 3.41 13.44 9.17
CA ILE B 42 4.00 14.02 7.97
C ILE B 42 4.49 15.42 8.37
N ARG B 43 5.69 15.77 7.92
CA ARG B 43 6.17 17.15 7.96
C ARG B 43 5.51 17.96 6.85
N VAL B 44 4.33 18.53 7.16
CA VAL B 44 3.52 19.11 6.11
C VAL B 44 4.11 20.37 5.44
N SER B 45 5.03 21.05 6.10
CA SER B 45 5.74 22.13 5.56
C SER B 45 6.81 21.79 4.53
N HIS B 46 7.10 20.50 4.35
CA HIS B 46 8.10 20.13 3.40
C HIS B 46 7.77 20.58 2.01
N SER B 47 8.77 21.13 1.34
CA SER B 47 8.66 21.62 -0.05
CA SER B 47 8.58 21.63 -0.01
C SER B 47 8.12 20.56 -1.04
N GLU B 48 8.46 19.30 -0.81
CA GLU B 48 7.94 18.21 -1.68
C GLU B 48 6.43 18.13 -1.77
N PHE B 49 5.69 18.68 -0.77
CA PHE B 49 4.26 18.56 -0.78
C PHE B 49 3.53 19.71 -1.39
N GLY B 50 4.20 20.82 -1.51
CA GLY B 50 3.54 22.01 -2.11
C GLY B 50 2.21 22.37 -1.46
N GLY B 51 2.02 22.18 -0.17
CA GLY B 51 0.75 22.47 0.45
C GLY B 51 -0.31 21.43 0.32
N ARG B 52 0.00 20.32 -0.33
CA ARG B 52 -0.97 19.25 -0.51
C ARG B 52 -1.11 18.29 0.66
N ALA B 53 -0.28 18.41 1.70
CA ALA B 53 -0.34 17.54 2.88
C ALA B 53 -0.95 18.27 4.03
N THR B 54 -1.83 17.59 4.77
CA THR B 54 -2.43 18.12 5.97
C THR B 54 -2.42 17.02 7.05
N ALA B 55 -2.41 17.37 8.30
CA ALA B 55 -2.52 16.43 9.39
C ALA B 55 -3.98 16.27 9.81
N VAL B 56 -4.48 15.06 9.96
CA VAL B 56 -5.87 14.85 10.33
C VAL B 56 -6.15 14.03 11.56
N PHE B 57 -5.15 13.32 12.07
CA PHE B 57 -5.40 12.38 13.15
C PHE B 57 -4.07 12.11 13.85
N ASP B 58 -4.09 12.03 15.19
CA ASP B 58 -2.83 11.75 15.95
C ASP B 58 -3.14 11.03 17.25
N ALA B 59 -2.77 9.76 17.35
CA ALA B 59 -3.07 8.93 18.49
C ALA B 59 -1.92 8.94 19.47
N ILE B 60 -0.83 9.65 19.23
CA ILE B 60 0.33 9.66 20.10
C ILE B 60 0.21 10.66 21.30
N GLY B 61 -0.24 11.87 21.01
CA GLY B 61 -0.54 12.81 22.10
C GLY B 61 0.72 13.37 22.74
N ASP B 62 1.75 13.53 21.95
CA ASP B 62 2.97 14.14 22.44
C ASP B 62 3.06 15.60 22.11
N GLY B 63 1.98 16.17 21.57
CA GLY B 63 2.02 17.54 21.14
C GLY B 63 2.50 17.79 19.75
N GLN B 64 2.83 16.74 18.98
CA GLN B 64 3.27 17.04 17.59
C GLN B 64 2.06 17.37 16.70
N ASN B 65 0.83 16.97 17.08
CA ASN B 65 -0.38 17.26 16.26
C ASN B 65 -0.27 16.82 14.79
N GLY B 66 0.19 15.59 14.63
CA GLY B 66 0.37 14.91 13.34
C GLY B 66 1.67 15.14 12.62
N ASN B 67 2.52 16.04 13.13
CA ASN B 67 3.84 16.27 12.55
C ASN B 67 4.69 15.04 12.83
N ASP B 68 5.74 14.88 12.06
CA ASP B 68 6.61 13.78 12.10
C ASP B 68 7.90 14.14 12.84
N CYS B 69 8.27 13.44 13.90
CA CYS B 69 9.57 13.59 14.53
C CYS B 69 10.46 12.39 14.32
N ASN B 70 10.05 11.44 13.45
CA ASN B 70 10.85 10.29 13.13
C ASN B 70 11.50 10.39 11.76
N GLY B 71 10.68 10.70 10.75
CA GLY B 71 11.09 10.85 9.38
C GLY B 71 10.40 9.84 8.46
N HIS B 72 10.08 8.69 8.98
CA HIS B 72 9.50 7.64 8.17
C HIS B 72 8.20 8.03 7.45
N GLY B 73 7.28 8.61 8.17
CA GLY B 73 5.99 8.98 7.55
C GLY B 73 6.13 10.06 6.50
N THR B 74 7.04 11.02 6.70
CA THR B 74 7.35 11.97 5.71
C THR B 74 7.94 11.37 4.45
N HIS B 75 8.85 10.42 4.63
CA HIS B 75 9.52 9.74 3.56
C HIS B 75 8.45 8.95 2.74
N VAL B 76 7.65 8.19 3.46
CA VAL B 76 6.58 7.42 2.84
C VAL B 76 5.63 8.33 2.06
N ALA B 77 5.18 9.41 2.68
CA ALA B 77 4.28 10.33 2.02
C ALA B 77 4.94 10.92 0.78
N GLY B 78 6.25 11.18 0.86
CA GLY B 78 7.03 11.67 -0.23
C GLY B 78 7.08 10.72 -1.43
N THR B 79 7.14 9.43 -1.18
CA THR B 79 7.13 8.44 -2.27
C THR B 79 5.74 8.31 -2.91
N VAL B 80 4.66 8.46 -2.09
CA VAL B 80 3.30 8.49 -2.67
C VAL B 80 3.16 9.71 -3.57
N GLY B 81 3.56 10.87 -3.06
CA GLY B 81 3.09 12.14 -3.62
C GLY B 81 4.00 13.35 -3.66
N GLY B 82 5.29 13.19 -3.35
CA GLY B 82 6.22 14.28 -3.46
C GLY B 82 6.41 14.71 -4.89
N THR B 83 6.65 16.00 -5.11
CA THR B 83 6.79 16.53 -6.45
C THR B 83 7.94 15.85 -7.19
N VAL B 84 9.12 15.74 -6.57
CA VAL B 84 10.29 15.17 -7.20
C VAL B 84 10.40 13.67 -6.93
N TYR B 85 10.14 13.24 -5.73
CA TYR B 85 10.38 11.84 -5.34
C TYR B 85 9.10 10.97 -5.28
N GLY B 86 7.95 11.50 -5.66
CA GLY B 86 6.67 10.83 -5.62
C GLY B 86 6.15 10.30 -6.93
N VAL B 87 5.31 9.26 -6.79
CA VAL B 87 4.60 8.64 -7.91
C VAL B 87 3.47 9.56 -8.48
N ALA B 88 2.66 10.07 -7.57
CA ALA B 88 1.38 10.73 -7.88
C ALA B 88 1.51 12.18 -7.40
N LYS B 89 2.01 13.01 -8.32
CA LYS B 89 2.63 14.29 -7.88
C LYS B 89 1.61 15.42 -7.62
N SER B 90 0.34 15.17 -7.80
CA SER B 90 -0.77 16.09 -7.39
C SER B 90 -1.74 15.49 -6.41
N VAL B 91 -1.40 14.34 -5.82
CA VAL B 91 -2.33 13.73 -4.90
C VAL B 91 -2.43 14.55 -3.61
N ARG B 92 -3.57 14.47 -2.93
CA ARG B 92 -3.69 15.11 -1.62
C ARG B 92 -3.26 14.07 -0.53
N LEU B 93 -2.47 14.51 0.46
CA LEU B 93 -1.90 13.64 1.47
C LEU B 93 -2.42 13.96 2.85
N TYR B 94 -2.75 12.97 3.65
CA TYR B 94 -3.37 13.18 4.97
C TYR B 94 -2.58 12.39 5.99
N ALA B 95 -2.05 13.07 7.00
CA ALA B 95 -1.26 12.39 8.03
C ALA B 95 -2.19 11.79 9.06
N VAL B 96 -2.16 10.50 9.20
CA VAL B 96 -2.93 9.72 10.20
C VAL B 96 -1.87 9.14 11.11
N ARG B 97 -1.46 9.87 12.15
CA ARG B 97 -0.28 9.56 12.92
C ARG B 97 -0.59 8.61 14.02
N VAL B 98 0.00 7.41 13.91
CA VAL B 98 -0.19 6.36 14.88
C VAL B 98 1.11 5.78 15.40
N LEU B 99 2.24 6.39 15.03
CA LEU B 99 3.54 5.95 15.50
C LEU B 99 4.30 7.19 15.95
N ASN B 100 5.21 6.99 16.92
CA ASN B 100 5.81 8.14 17.64
C ASN B 100 7.18 8.49 17.06
N CYS B 101 8.00 9.30 17.81
CA CYS B 101 9.29 9.65 17.28
C CYS B 101 10.25 8.54 17.00
N SER B 102 10.05 7.40 17.67
CA SER B 102 10.86 6.21 17.46
C SER B 102 10.20 5.21 16.55
N GLY B 103 9.08 5.55 15.92
CA GLY B 103 8.43 4.62 14.99
C GLY B 103 7.58 3.55 15.67
N SER B 104 7.17 3.84 16.88
CA SER B 104 6.54 2.85 17.75
C SER B 104 5.14 3.36 18.13
N GLY B 105 4.15 2.51 18.22
CA GLY B 105 2.87 2.94 18.68
C GLY B 105 1.93 1.85 19.16
N SER B 106 1.01 2.16 20.09
CA SER B 106 0.12 1.15 20.53
C SER B 106 -0.71 0.53 19.37
N ASN B 107 -1.00 -0.74 19.45
CA ASN B 107 -1.97 -1.35 18.54
C ASN B 107 -3.32 -0.65 18.62
N SER B 108 -3.75 -0.20 19.82
CA SER B 108 -5.05 0.43 19.87
C SER B 108 -5.04 1.69 19.01
N GLY B 109 -3.98 2.48 19.09
CA GLY B 109 -3.88 3.71 18.26
C GLY B 109 -3.85 3.45 16.74
N VAL B 110 -3.18 2.37 16.36
CA VAL B 110 -3.23 2.03 14.93
C VAL B 110 -4.70 1.68 14.52
N ILE B 111 -5.36 0.84 15.29
CA ILE B 111 -6.81 0.53 15.01
C ILE B 111 -7.63 1.82 14.97
N ALA B 112 -7.43 2.72 15.91
CA ALA B 112 -8.19 3.93 15.89
C ALA B 112 -7.95 4.78 14.63
N GLY B 113 -6.70 4.78 14.16
CA GLY B 113 -6.42 5.43 12.91
C GLY B 113 -7.07 4.83 11.70
N VAL B 114 -7.03 3.52 11.61
CA VAL B 114 -7.62 2.80 10.51
C VAL B 114 -9.15 3.12 10.52
N ASP B 115 -9.78 3.00 11.70
CA ASP B 115 -11.21 3.32 11.83
C ASP B 115 -11.48 4.75 11.48
N TRP B 116 -10.64 5.75 11.84
CA TRP B 116 -10.81 7.08 11.40
C TRP B 116 -10.90 7.15 9.88
N VAL B 117 -9.95 6.49 9.18
CA VAL B 117 -9.96 6.54 7.75
C VAL B 117 -11.27 5.89 7.20
N ARG B 118 -11.69 4.78 7.77
CA ARG B 118 -12.93 4.15 7.36
C ARG B 118 -14.11 5.17 7.38
N GLN B 119 -14.23 5.82 8.51
CA GLN B 119 -15.40 6.71 8.73
C GLN B 119 -15.30 8.00 7.94
N ASN B 120 -14.10 8.52 7.74
CA ASN B 120 -13.91 9.91 7.34
C ASN B 120 -13.19 10.10 6.00
N ALA B 121 -12.63 9.08 5.42
CA ALA B 121 -11.85 9.27 4.18
C ALA B 121 -12.79 9.78 3.06
N ARG B 122 -12.27 10.70 2.27
CA ARG B 122 -12.95 11.20 1.07
C ARG B 122 -12.59 10.32 -0.13
N ARG B 123 -13.55 9.61 -0.75
CA ARG B 123 -13.30 8.86 -1.99
C ARG B 123 -13.09 9.74 -3.20
N PRO B 124 -12.25 9.37 -4.17
CA PRO B 124 -11.46 8.16 -4.19
C PRO B 124 -10.28 8.30 -3.21
N ALA B 125 -10.00 7.20 -2.56
CA ALA B 125 -9.03 7.16 -1.47
C ALA B 125 -8.19 5.88 -1.50
N VAL B 126 -6.96 6.09 -1.10
CA VAL B 126 -5.96 5.05 -0.84
CA VAL B 126 -6.00 5.04 -0.86
C VAL B 126 -5.40 5.30 0.53
N ALA B 127 -5.11 4.26 1.26
CA ALA B 127 -4.48 4.30 2.55
C ALA B 127 -3.17 3.49 2.45
N ASN B 128 -2.17 4.02 3.09
CA ASN B 128 -0.80 3.42 3.11
C ASN B 128 -0.45 3.01 4.51
N MET B 129 -0.17 1.73 4.73
CA MET B 129 0.23 1.20 6.05
C MET B 129 1.63 0.58 5.95
N SER B 130 2.63 1.41 6.11
CA SER B 130 4.04 1.00 6.11
C SER B 130 4.46 0.63 7.53
N LEU B 131 3.69 -0.21 8.17
CA LEU B 131 3.84 -0.53 9.57
C LEU B 131 3.22 -1.85 9.81
N GLY B 132 3.61 -2.46 10.91
CA GLY B 132 2.97 -3.73 11.30
C GLY B 132 3.43 -4.25 12.61
N GLY B 133 3.14 -5.52 12.87
CA GLY B 133 3.41 -6.13 14.19
C GLY B 133 2.86 -7.51 14.22
N GLY B 134 2.78 -8.03 15.44
CA GLY B 134 2.31 -9.38 15.58
C GLY B 134 0.88 -9.49 15.17
N ALA B 135 0.46 -10.69 14.86
CA ALA B 135 -0.90 -10.91 14.44
C ALA B 135 -1.89 -10.29 15.39
N SER B 136 -2.89 -9.66 14.83
CA SER B 136 -3.93 -8.93 15.56
C SER B 136 -5.23 -9.09 14.80
N SER B 137 -6.18 -9.90 15.27
CA SER B 137 -7.49 -9.97 14.62
C SER B 137 -8.26 -8.68 14.67
N ALA B 138 -8.14 -7.92 15.76
CA ALA B 138 -8.84 -6.66 15.85
C ALA B 138 -8.32 -5.70 14.74
N LEU B 139 -6.99 -5.71 14.48
CA LEU B 139 -6.47 -4.85 13.47
C LEU B 139 -6.85 -5.32 12.09
N ASP B 140 -6.77 -6.59 11.87
CA ASP B 140 -7.20 -7.18 10.56
C ASP B 140 -8.66 -6.78 10.31
N THR B 141 -9.52 -6.84 11.34
CA THR B 141 -10.94 -6.49 11.16
C THR B 141 -11.12 -5.05 10.78
N ALA B 142 -10.35 -4.18 11.46
CA ALA B 142 -10.39 -2.77 11.17
C ALA B 142 -10.01 -2.51 9.68
N VAL B 143 -8.94 -3.15 9.26
CA VAL B 143 -8.48 -2.95 7.86
C VAL B 143 -9.54 -3.53 6.88
N ASN B 144 -10.04 -4.75 7.15
CA ASN B 144 -11.06 -5.30 6.28
C ASN B 144 -12.31 -4.39 6.22
N ASN B 145 -12.67 -3.81 7.36
CA ASN B 145 -13.87 -2.96 7.40
C ASN B 145 -13.62 -1.74 6.52
N ALA B 146 -12.44 -1.15 6.60
CA ALA B 146 -12.10 0.03 5.83
C ALA B 146 -12.02 -0.28 4.33
N ILE B 147 -11.52 -1.46 3.96
CA ILE B 147 -11.55 -1.88 2.53
C ILE B 147 -12.98 -2.04 2.09
N ASN B 148 -13.82 -2.63 2.98
CA ASN B 148 -15.22 -2.83 2.61
C ASN B 148 -15.96 -1.52 2.40
N ALA B 149 -15.54 -0.44 3.03
CA ALA B 149 -16.00 0.94 2.82
C ALA B 149 -15.53 1.61 1.54
N GLY B 150 -14.70 0.89 0.75
CA GLY B 150 -14.23 1.36 -0.57
C GLY B 150 -12.86 1.97 -0.64
N ILE B 151 -12.07 1.85 0.44
CA ILE B 151 -10.73 2.44 0.46
C ILE B 151 -9.68 1.40 0.13
N THR B 152 -8.86 1.65 -0.91
CA THR B 152 -7.80 0.73 -1.22
C THR B 152 -6.71 0.84 -0.12
N PHE B 153 -6.20 -0.29 0.34
CA PHE B 153 -5.08 -0.32 1.32
C PHE B 153 -3.85 -0.94 0.70
N ALA B 154 -2.74 -0.25 0.84
CA ALA B 154 -1.42 -0.80 0.52
C ALA B 154 -0.74 -1.12 1.85
N LEU B 155 -0.22 -2.36 1.99
CA LEU B 155 0.27 -2.86 3.27
C LEU B 155 1.66 -3.41 3.12
N ALA B 156 2.56 -3.00 4.00
CA ALA B 156 3.97 -3.52 3.93
C ALA B 156 4.05 -4.99 4.32
N ALA B 157 4.81 -5.79 3.60
CA ALA B 157 4.87 -7.19 3.98
C ALA B 157 5.65 -7.50 5.26
N GLY B 158 6.58 -6.60 5.60
CA GLY B 158 7.52 -6.75 6.71
C GLY B 158 8.92 -7.15 6.33
N ASN B 159 9.82 -7.08 7.34
CA ASN B 159 11.25 -7.03 7.12
C ASN B 159 12.09 -8.09 7.87
N SER B 160 11.51 -9.28 8.07
CA SER B 160 12.16 -10.33 8.90
C SER B 160 12.58 -11.50 8.05
N ASN B 161 12.53 -11.42 6.71
CA ASN B 161 12.85 -12.57 5.83
C ASN B 161 12.05 -13.80 6.30
N ARG B 162 10.78 -13.60 6.58
CA ARG B 162 9.83 -14.58 7.01
C ARG B 162 8.57 -14.55 6.15
N ASP B 163 7.77 -15.60 6.35
CA ASP B 163 6.46 -15.63 5.70
C ASP B 163 5.57 -14.55 6.24
N ALA B 164 5.09 -13.63 5.33
CA ALA B 164 4.28 -12.50 5.79
C ALA B 164 2.96 -12.88 6.37
N CYS B 165 2.47 -14.10 6.13
CA CYS B 165 1.15 -14.45 6.65
C CYS B 165 1.01 -14.47 8.15
N GLN B 166 2.11 -14.42 8.89
CA GLN B 166 2.03 -14.44 10.32
C GLN B 166 1.83 -13.04 10.94
N PHE B 167 1.85 -11.96 10.17
CA PHE B 167 1.88 -10.63 10.70
C PHE B 167 0.61 -9.82 10.30
N SER B 168 0.24 -8.86 11.13
CA SER B 168 -0.85 -7.96 10.83
C SER B 168 -0.35 -6.55 10.65
N PRO B 169 -0.88 -5.80 9.65
CA PRO B 169 -1.97 -6.19 8.79
C PRO B 169 -1.51 -6.87 7.48
N ALA B 170 -0.25 -7.30 7.36
CA ALA B 170 0.17 -7.87 6.09
C ALA B 170 -0.70 -9.05 5.63
N ARG B 171 -1.22 -9.83 6.54
CA ARG B 171 -1.98 -11.01 6.18
C ARG B 171 -3.42 -10.75 5.77
N VAL B 172 -3.84 -9.49 5.76
CA VAL B 172 -5.26 -9.12 5.34
C VAL B 172 -5.33 -9.30 3.83
N THR B 173 -6.02 -10.38 3.37
CA THR B 173 -6.04 -10.73 1.97
C THR B 173 -6.53 -9.68 0.98
N ALA B 174 -7.53 -8.91 1.39
CA ALA B 174 -8.08 -7.84 0.58
C ALA B 174 -7.24 -6.62 0.38
N GLY B 175 -6.17 -6.48 1.17
CA GLY B 175 -5.26 -5.34 1.02
C GLY B 175 -4.24 -5.75 -0.03
N ILE B 176 -3.50 -4.80 -0.54
CA ILE B 176 -2.45 -5.09 -1.49
C ILE B 176 -1.15 -5.15 -0.66
N THR B 177 -0.64 -6.35 -0.40
CA THR B 177 0.55 -6.51 0.46
C THR B 177 1.80 -6.54 -0.41
N VAL B 178 2.76 -5.76 0.01
CA VAL B 178 3.85 -5.41 -0.91
C VAL B 178 5.25 -5.83 -0.33
N GLY B 179 6.01 -6.66 -1.09
CA GLY B 179 7.40 -7.01 -0.81
C GLY B 179 8.33 -5.99 -1.39
N ALA B 180 9.62 -6.06 -1.00
CA ALA B 180 10.63 -5.10 -1.44
C ALA B 180 11.63 -5.70 -2.37
N THR B 181 12.02 -4.98 -3.38
CA THR B 181 13.15 -5.37 -4.27
C THR B 181 14.26 -4.32 -4.20
N THR B 182 15.39 -4.75 -4.72
CA THR B 182 16.56 -3.92 -4.93
C THR B 182 16.70 -3.44 -6.37
N SER B 183 17.66 -2.56 -6.64
CA SER B 183 17.83 -2.00 -7.93
C SER B 183 18.29 -3.03 -9.00
N THR B 184 18.66 -4.22 -8.58
CA THR B 184 19.02 -5.32 -9.50
C THR B 184 17.91 -6.28 -9.62
N ASP B 185 16.68 -5.98 -9.11
CA ASP B 185 15.51 -6.83 -9.20
C ASP B 185 15.59 -8.09 -8.33
N ALA B 186 16.47 -8.12 -7.36
CA ALA B 186 16.41 -9.14 -6.36
C ALA B 186 15.37 -8.79 -5.30
N ARG B 187 14.71 -9.74 -4.76
CA ARG B 187 13.98 -9.52 -3.46
C ARG B 187 15.04 -9.05 -2.47
N ALA B 188 14.74 -7.97 -1.74
CA ALA B 188 15.62 -7.51 -0.70
C ALA B 188 15.79 -8.59 0.35
N SER B 189 17.00 -8.69 0.90
CA SER B 189 17.28 -9.76 1.83
C SER B 189 16.39 -9.84 3.00
N TYR B 190 15.96 -8.69 3.50
CA TYR B 190 15.10 -8.58 4.63
C TYR B 190 13.61 -8.78 4.30
N SER B 191 13.21 -8.74 3.03
CA SER B 191 11.79 -8.70 2.73
C SER B 191 11.12 -9.98 3.13
N ASN B 192 10.00 -9.85 3.79
CA ASN B 192 9.12 -10.99 3.95
C ASN B 192 8.59 -11.43 2.61
N TYR B 193 8.08 -12.63 2.60
CA TYR B 193 7.77 -13.35 1.32
C TYR B 193 6.49 -14.18 1.49
N GLY B 194 6.10 -14.83 0.39
CA GLY B 194 5.01 -15.81 0.47
C GLY B 194 3.71 -15.44 -0.13
N SER B 195 2.71 -16.30 0.11
CA SER B 195 1.42 -16.19 -0.61
C SER B 195 0.56 -15.09 -0.15
N CYS B 196 0.93 -14.39 0.93
CA CYS B 196 0.19 -13.23 1.40
C CYS B 196 0.62 -11.99 0.63
N LEU B 197 1.75 -12.02 -0.06
CA LEU B 197 2.17 -10.89 -0.90
C LEU B 197 1.27 -10.86 -2.11
N ASP B 198 0.99 -9.66 -2.59
CA ASP B 198 0.41 -9.49 -3.93
C ASP B 198 1.44 -9.23 -5.00
N LEU B 199 2.49 -8.50 -4.66
CA LEU B 199 3.53 -8.14 -5.63
C LEU B 199 4.73 -7.48 -4.87
N PHE B 200 5.80 -7.21 -5.60
CA PHE B 200 6.91 -6.47 -5.13
C PHE B 200 6.98 -5.11 -5.74
N ALA B 201 7.70 -4.23 -5.04
CA ALA B 201 8.02 -2.89 -5.52
C ALA B 201 9.39 -2.48 -5.00
N PRO B 202 9.98 -1.46 -5.59
CA PRO B 202 11.29 -0.98 -5.07
C PRO B 202 11.26 -0.58 -3.60
N GLY B 203 12.14 -1.22 -2.82
CA GLY B 203 12.21 -0.95 -1.40
C GLY B 203 13.58 -0.68 -0.77
N SER B 204 14.66 -1.16 -1.41
CA SER B 204 15.99 -0.83 -0.82
C SER B 204 16.55 0.40 -1.38
N SER B 205 17.12 1.19 -0.48
CA SER B 205 17.79 2.44 -0.85
C SER B 205 16.90 3.36 -1.67
N ILE B 206 15.76 3.73 -1.09
CA ILE B 206 14.77 4.63 -1.75
C ILE B 206 14.92 6.03 -1.17
N THR B 207 15.07 7.00 -2.07
CA THR B 207 15.24 8.44 -1.72
C THR B 207 13.86 9.08 -1.72
N SER B 208 13.60 9.84 -0.67
CA SER B 208 12.37 10.62 -0.51
C SER B 208 12.61 11.76 0.48
N ALA B 209 11.55 12.49 0.75
CA ALA B 209 11.58 13.58 1.73
C ALA B 209 11.96 13.13 3.11
N TRP B 210 12.68 13.99 3.86
CA TRP B 210 13.03 13.73 5.25
C TRP B 210 12.73 14.97 6.09
N ILE B 211 13.12 14.95 7.37
CA ILE B 211 12.65 15.92 8.36
C ILE B 211 13.77 16.76 8.93
N SER B 212 14.97 16.67 8.38
CA SER B 212 16.08 17.49 8.89
C SER B 212 15.94 18.94 8.45
N SER B 213 15.22 19.17 7.38
CA SER B 213 14.90 20.53 6.89
C SER B 213 13.65 20.39 6.02
N ASP B 214 13.04 21.50 5.65
CA ASP B 214 11.96 21.47 4.65
C ASP B 214 12.34 21.16 3.22
N THR B 215 13.64 21.00 2.93
CA THR B 215 14.05 20.59 1.59
C THR B 215 14.83 19.26 1.62
N SER B 216 14.95 18.66 2.79
CA SER B 216 15.85 17.53 2.93
C SER B 216 15.30 16.24 2.29
N THR B 217 16.21 15.40 1.80
CA THR B 217 15.84 14.05 1.30
C THR B 217 16.80 13.08 1.98
N ASN B 218 16.33 11.85 2.18
CA ASN B 218 17.15 10.78 2.78
C ASN B 218 16.82 9.47 2.08
N THR B 219 17.70 8.49 2.27
CA THR B 219 17.58 7.22 1.59
C THR B 219 17.55 6.12 2.64
N ILE B 220 16.46 5.35 2.67
CA ILE B 220 16.32 4.29 3.62
C ILE B 220 15.69 3.08 2.90
N SER B 221 15.67 1.97 3.59
CA SER B 221 15.22 0.72 3.02
C SER B 221 14.16 0.05 3.85
N GLY B 222 13.32 -0.71 3.15
CA GLY B 222 12.35 -1.52 3.87
C GLY B 222 11.12 -1.82 2.97
N THR B 223 10.30 -2.79 3.38
CA THR B 223 8.99 -2.94 2.73
C THR B 223 8.14 -1.66 2.97
N SER B 224 8.46 -0.85 3.99
CA SER B 224 7.81 0.42 4.16
C SER B 224 8.06 1.36 3.00
N MET B 225 9.15 1.20 2.28
N MET B 225 9.15 1.22 2.26
CA MET B 225 9.47 2.04 1.13
CA MET B 225 9.46 2.07 1.11
C MET B 225 8.80 1.52 -0.15
C MET B 225 8.78 1.52 -0.16
N ALA B 226 8.60 0.20 -0.21
CA ALA B 226 7.99 -0.43 -1.37
C ALA B 226 6.50 -0.09 -1.48
N THR B 227 5.85 -0.22 -0.33
CA THR B 227 4.40 0.04 -0.14
C THR B 227 3.90 1.35 -0.77
N PRO B 228 4.56 2.50 -0.51
CA PRO B 228 4.05 3.72 -1.07
C PRO B 228 4.18 3.84 -2.58
N HIS B 229 5.09 3.07 -3.21
CA HIS B 229 5.10 3.07 -4.69
C HIS B 229 3.79 2.48 -5.20
N VAL B 230 3.29 1.47 -4.53
CA VAL B 230 2.03 0.81 -4.90
C VAL B 230 0.87 1.76 -4.58
N ALA B 231 0.89 2.42 -3.42
CA ALA B 231 -0.19 3.33 -3.07
C ALA B 231 -0.22 4.48 -4.13
N GLY B 232 0.95 4.92 -4.57
CA GLY B 232 1.08 5.92 -5.60
C GLY B 232 0.44 5.52 -6.90
N VAL B 233 0.80 4.34 -7.35
CA VAL B 233 0.20 3.81 -8.59
C VAL B 233 -1.30 3.63 -8.45
N ALA B 234 -1.79 3.18 -7.27
CA ALA B 234 -3.22 3.15 -7.04
C ALA B 234 -3.88 4.51 -7.18
N ALA B 235 -3.19 5.56 -6.71
CA ALA B 235 -3.71 6.91 -6.87
C ALA B 235 -3.73 7.33 -8.33
N LEU B 236 -2.73 6.99 -9.12
CA LEU B 236 -2.76 7.22 -10.55
C LEU B 236 -3.95 6.55 -11.15
N TYR B 237 -4.18 5.28 -10.82
CA TYR B 237 -5.29 4.51 -11.37
C TYR B 237 -6.61 5.14 -10.98
N LEU B 238 -6.78 5.52 -9.71
CA LEU B 238 -8.03 6.09 -9.22
C LEU B 238 -8.32 7.43 -9.83
N GLN B 239 -7.35 8.20 -10.25
CA GLN B 239 -7.63 9.43 -10.88
C GLN B 239 -8.46 9.21 -12.17
N SER B 240 -8.07 8.23 -12.97
CA SER B 240 -8.84 7.87 -14.16
C SER B 240 -10.09 7.05 -13.88
N ASN B 241 -10.15 6.33 -12.75
CA ASN B 241 -11.18 5.42 -12.39
C ASN B 241 -11.66 5.66 -10.95
N PRO B 242 -12.28 6.84 -10.71
CA PRO B 242 -12.47 7.22 -9.35
C PRO B 242 -13.50 6.40 -8.59
N SER B 243 -14.37 5.66 -9.28
CA SER B 243 -15.34 4.82 -8.59
C SER B 243 -14.86 3.38 -8.43
N ALA B 244 -13.60 3.06 -8.80
CA ALA B 244 -13.10 1.70 -8.68
C ALA B 244 -13.09 1.20 -7.23
N SER B 245 -13.58 0.00 -7.08
CA SER B 245 -13.51 -0.67 -5.76
C SER B 245 -12.12 -1.14 -5.47
N PRO B 246 -11.85 -1.39 -4.17
CA PRO B 246 -10.53 -1.96 -3.85
C PRO B 246 -10.23 -3.20 -4.62
N ALA B 247 -11.20 -4.13 -4.78
CA ALA B 247 -10.91 -5.32 -5.55
C ALA B 247 -10.54 -4.98 -7.00
N THR B 248 -11.23 -4.07 -7.62
CA THR B 248 -10.84 -3.59 -8.99
C THR B 248 -9.46 -3.00 -9.07
N VAL B 249 -9.10 -2.18 -8.07
CA VAL B 249 -7.80 -1.56 -8.08
C VAL B 249 -6.71 -2.58 -7.83
N ARG B 250 -6.96 -3.54 -6.93
CA ARG B 250 -5.97 -4.60 -6.65
C ARG B 250 -5.76 -5.42 -7.94
N ASN B 251 -6.84 -5.79 -8.64
CA ASN B 251 -6.68 -6.56 -9.87
C ASN B 251 -5.98 -5.76 -10.97
N ALA B 252 -6.24 -4.44 -11.04
CA ALA B 252 -5.61 -3.61 -12.07
C ALA B 252 -4.07 -3.51 -11.79
N ILE B 253 -3.68 -3.42 -10.53
CA ILE B 253 -2.28 -3.33 -10.14
C ILE B 253 -1.59 -4.62 -10.30
N VAL B 254 -2.15 -5.71 -9.75
CA VAL B 254 -1.52 -6.99 -9.91
C VAL B 254 -1.54 -7.49 -11.37
N GLY B 255 -2.65 -7.21 -12.08
CA GLY B 255 -2.75 -7.64 -13.45
C GLY B 255 -1.80 -6.92 -14.37
N ASN B 256 -1.38 -5.68 -14.06
CA ASN B 256 -0.43 -4.91 -14.90
C ASN B 256 1.04 -5.18 -14.58
N ALA B 257 1.28 -5.84 -13.46
CA ALA B 257 2.65 -6.03 -12.94
C ALA B 257 3.50 -6.90 -13.89
N THR B 258 4.78 -6.62 -13.88
CA THR B 258 5.73 -7.34 -14.73
C THR B 258 6.02 -8.69 -14.12
N SER B 259 5.85 -9.77 -14.90
N SER B 259 5.88 -9.75 -14.94
CA SER B 259 6.04 -11.11 -14.34
CA SER B 259 6.07 -11.11 -14.45
C SER B 259 7.42 -11.66 -14.67
C SER B 259 7.51 -11.61 -14.69
N GLY B 260 7.99 -12.33 -13.71
CA GLY B 260 9.20 -13.13 -13.82
C GLY B 260 10.49 -12.46 -13.84
N VAL B 261 10.55 -11.23 -13.34
CA VAL B 261 11.81 -10.49 -13.24
C VAL B 261 12.38 -10.42 -11.84
N VAL B 262 11.65 -10.87 -10.82
CA VAL B 262 12.18 -10.79 -9.46
C VAL B 262 13.08 -12.01 -9.16
N SER B 263 14.35 -11.81 -8.76
CA SER B 263 15.15 -12.96 -8.35
C SER B 263 14.99 -13.25 -6.84
N ASN B 264 15.19 -14.48 -6.43
CA ASN B 264 15.08 -14.92 -5.08
C ASN B 264 13.76 -14.49 -4.42
N ALA B 265 12.68 -14.66 -5.14
CA ALA B 265 11.40 -14.12 -4.71
C ALA B 265 10.86 -14.74 -3.45
N GLY B 266 11.28 -15.96 -3.17
CA GLY B 266 10.89 -16.64 -1.99
C GLY B 266 9.76 -17.56 -2.18
N ARG B 267 9.68 -18.48 -1.21
CA ARG B 267 8.69 -19.54 -1.39
C ARG B 267 7.24 -19.02 -1.42
N ARG B 268 6.52 -19.43 -2.42
CA ARG B 268 5.08 -19.14 -2.66
C ARG B 268 4.86 -17.62 -2.98
N SER B 269 5.92 -16.88 -3.18
CA SER B 269 5.77 -15.44 -3.51
C SER B 269 5.25 -15.32 -4.95
N PRO B 270 4.38 -14.33 -5.23
CA PRO B 270 4.15 -13.92 -6.62
C PRO B 270 5.32 -13.28 -7.32
N ASN B 271 5.70 -13.77 -8.49
CA ASN B 271 6.82 -13.18 -9.16
C ASN B 271 6.32 -12.07 -10.04
N LEU B 272 6.06 -10.93 -9.34
CA LEU B 272 5.39 -9.78 -9.97
C LEU B 272 6.02 -8.48 -9.42
N LEU B 273 6.33 -7.57 -10.33
CA LEU B 273 6.94 -6.27 -9.97
C LEU B 273 6.04 -5.15 -10.45
N LEU B 274 5.71 -4.21 -9.54
CA LEU B 274 4.90 -3.06 -9.88
C LEU B 274 5.28 -2.39 -11.18
N TYR B 275 4.24 -1.99 -11.98
CA TYR B 275 4.41 -1.33 -13.25
C TYR B 275 3.30 -0.26 -13.32
N SER B 276 3.67 0.97 -13.67
CA SER B 276 2.76 2.11 -13.54
C SER B 276 2.05 2.54 -14.80
N ASN B 277 2.30 1.89 -15.96
CA ASN B 277 1.76 2.37 -17.26
C ASN B 277 0.37 1.76 -17.56
N TYR B 278 -0.63 2.63 -17.61
CA TYR B 278 -1.98 2.29 -18.02
C TYR B 278 -2.26 3.09 -19.29
N GLU B 279 -2.80 2.42 -20.28
CA GLU B 279 -3.16 3.07 -21.54
C GLU B 279 -4.48 3.78 -21.46
N ASN B 280 -4.73 4.67 -22.41
CA ASN B 280 -5.98 5.42 -22.42
C ASN B 280 -6.42 5.68 -23.84
N LEU B 281 -7.69 5.90 -23.98
CA LEU B 281 -8.24 6.27 -25.28
C LEU B 281 -7.63 7.54 -25.79
N TYR B 282 -7.45 7.61 -27.08
CA TYR B 282 -7.04 8.91 -27.66
C TYR B 282 -8.24 9.63 -28.33
N ALA C 1 8.96 -13.08 17.24
CA ALA C 1 9.08 -14.49 17.50
C ALA C 1 7.82 -14.98 18.22
N THR C 2 7.51 -16.26 18.07
CA THR C 2 6.31 -16.88 18.67
C THR C 2 6.79 -18.06 19.55
N GLN C 3 6.42 -18.05 20.82
CA GLN C 3 6.69 -19.11 21.74
C GLN C 3 5.46 -20.03 21.82
N THR C 4 5.67 -21.31 21.54
CA THR C 4 4.56 -22.28 21.67
C THR C 4 4.55 -22.95 22.99
N GLY C 5 3.37 -23.36 23.46
CA GLY C 5 3.25 -24.05 24.74
C GLY C 5 3.53 -23.06 25.87
N ALA C 6 3.17 -21.80 25.60
CA ALA C 6 3.39 -20.72 26.61
C ALA C 6 2.47 -20.88 27.81
N THR C 7 3.00 -20.54 29.01
CA THR C 7 2.20 -20.44 30.21
C THR C 7 1.08 -19.44 30.08
N TRP C 8 0.01 -19.57 30.86
CA TRP C 8 -1.23 -18.86 30.55
C TRP C 8 -1.13 -17.33 30.62
N GLY C 9 -0.37 -16.82 31.62
CA GLY C 9 -0.26 -15.37 31.74
C GLY C 9 0.37 -14.72 30.53
N LEU C 10 1.47 -15.28 30.07
CA LEU C 10 2.16 -14.83 28.83
C LEU C 10 1.18 -14.98 27.67
N ASP C 11 0.52 -16.15 27.64
CA ASP C 11 -0.46 -16.40 26.54
C ASP C 11 -1.53 -15.37 26.49
N ARG C 12 -2.04 -14.96 27.63
CA ARG C 12 -3.12 -13.99 27.66
C ARG C 12 -2.74 -12.60 27.20
N ILE C 13 -1.55 -12.11 27.57
CA ILE C 13 -1.26 -10.69 27.37
C ILE C 13 -0.95 -10.32 25.88
N ASP C 14 -0.70 -11.31 24.98
CA ASP C 14 -0.47 -10.98 23.59
C ASP C 14 -1.72 -11.02 22.72
N GLN C 15 -2.87 -11.14 23.34
CA GLN C 15 -4.13 -11.19 22.63
C GLN C 15 -5.20 -10.43 23.33
N ARG C 16 -6.14 -9.87 22.57
CA ARG C 16 -7.21 -9.13 23.20
C ARG C 16 -8.28 -10.01 23.76
N THR C 17 -8.71 -11.03 23.03
CA THR C 17 -9.88 -11.77 23.48
C THR C 17 -9.55 -13.24 23.69
N LEU C 18 -10.27 -13.84 24.61
CA LEU C 18 -10.29 -15.28 24.81
C LEU C 18 -10.94 -15.95 23.59
N PRO C 19 -10.64 -17.22 23.30
CA PRO C 19 -9.89 -18.13 24.11
C PRO C 19 -8.42 -18.01 23.96
N LEU C 20 -7.74 -18.54 24.96
CA LEU C 20 -6.23 -18.59 24.94
C LEU C 20 -5.73 -19.34 23.73
N SER C 21 -4.62 -18.91 23.20
CA SER C 21 -3.99 -19.45 22.02
C SER C 21 -2.94 -20.54 22.25
N GLY C 22 -2.48 -20.75 23.49
CA GLY C 22 -1.30 -21.52 23.78
C GLY C 22 0.02 -20.92 23.38
N THR C 23 0.01 -19.65 22.93
CA THR C 23 1.14 -19.02 22.32
C THR C 23 1.36 -17.61 22.84
N PHE C 24 2.65 -17.26 22.87
CA PHE C 24 3.03 -15.89 23.22
C PHE C 24 3.97 -15.37 22.14
N THR C 25 3.56 -14.28 21.53
CA THR C 25 4.35 -13.62 20.45
C THR C 25 4.94 -12.31 20.91
N TYR C 26 6.21 -12.05 20.54
CA TYR C 26 6.92 -10.85 21.02
C TYR C 26 7.80 -10.34 19.89
N SER C 27 7.81 -9.04 19.71
N SER C 27 7.78 -9.04 19.65
CA SER C 27 8.57 -8.38 18.63
CA SER C 27 8.63 -8.42 18.59
C SER C 27 9.93 -7.83 19.09
C SER C 27 10.03 -8.09 19.12
N ASN C 28 10.09 -7.76 20.41
CA ASN C 28 11.19 -7.21 21.12
C ASN C 28 11.47 -8.17 22.31
N THR C 29 12.62 -8.00 22.97
CA THR C 29 12.99 -8.89 24.06
C THR C 29 13.41 -8.08 25.29
N GLY C 30 13.35 -6.77 25.23
CA GLY C 30 13.83 -5.99 26.33
C GLY C 30 15.35 -5.87 26.39
N SER C 31 16.00 -6.20 25.29
CA SER C 31 17.38 -6.12 25.17
C SER C 31 17.77 -4.62 25.35
N GLY C 32 18.74 -4.42 26.17
CA GLY C 32 19.15 -3.07 26.53
C GLY C 32 18.42 -2.40 27.64
N VAL C 33 17.42 -3.05 28.23
CA VAL C 33 16.66 -2.48 29.33
C VAL C 33 17.06 -3.19 30.63
N ASN C 34 16.96 -2.44 31.71
CA ASN C 34 17.39 -2.86 33.05
C ASN C 34 16.24 -2.91 33.96
N ALA C 35 15.98 -4.07 34.56
CA ALA C 35 14.80 -4.33 35.39
C ALA C 35 15.21 -4.62 36.82
N TYR C 36 14.78 -3.77 37.74
CA TYR C 36 15.18 -3.81 39.14
C TYR C 36 14.07 -4.44 39.96
N ILE C 37 14.32 -5.62 40.48
CA ILE C 37 13.34 -6.42 41.15
C ILE C 37 13.47 -6.19 42.68
N ILE C 38 12.59 -5.39 43.21
CA ILE C 38 12.65 -4.95 44.62
C ILE C 38 11.77 -5.92 45.38
N ASP C 39 12.38 -6.90 46.06
CA ASP C 39 11.64 -8.09 46.48
C ASP C 39 12.48 -8.91 47.50
N THR C 40 12.24 -10.21 47.51
CA THR C 40 12.92 -11.15 48.42
C THR C 40 14.30 -11.63 47.95
N GLY C 41 14.83 -11.03 46.89
CA GLY C 41 16.02 -11.46 46.25
C GLY C 41 15.76 -12.16 44.94
N ILE C 42 16.86 -12.65 44.33
CA ILE C 42 16.76 -13.47 43.11
C ILE C 42 17.77 -14.58 43.23
N ARG C 43 17.34 -15.83 42.92
CA ARG C 43 18.27 -16.92 42.67
C ARG C 43 18.91 -16.74 41.27
N VAL C 44 20.02 -15.97 41.27
CA VAL C 44 20.62 -15.54 40.04
C VAL C 44 21.15 -16.66 39.14
N SER C 45 21.44 -17.82 39.77
CA SER C 45 21.95 -18.96 39.05
C SER C 45 20.83 -19.73 38.29
N HIS C 46 19.56 -19.35 38.52
CA HIS C 46 18.49 -20.13 37.85
C HIS C 46 18.68 -20.12 36.32
N SER C 47 18.39 -21.23 35.68
CA SER C 47 18.57 -21.34 34.26
C SER C 47 17.64 -20.43 33.47
N GLU C 48 16.53 -19.96 34.06
CA GLU C 48 15.64 -18.98 33.37
C GLU C 48 16.34 -17.67 33.04
N PHE C 49 17.37 -17.34 33.76
CA PHE C 49 18.01 -16.04 33.61
C PHE C 49 19.19 -16.04 32.68
N GLY C 50 19.82 -17.21 32.48
CA GLY C 50 20.98 -17.21 31.53
C GLY C 50 22.10 -16.25 31.79
N GLY C 51 22.32 -15.96 33.06
CA GLY C 51 23.37 -15.01 33.47
C GLY C 51 22.99 -13.56 33.39
N ARG C 52 21.74 -13.28 33.06
CA ARG C 52 21.27 -11.88 32.94
C ARG C 52 20.87 -11.26 34.25
N ALA C 53 20.81 -12.05 35.31
CA ALA C 53 20.54 -11.58 36.66
C ALA C 53 21.72 -11.41 37.53
N THR C 54 21.77 -10.31 38.29
CA THR C 54 22.83 -10.10 39.28
C THR C 54 22.21 -9.56 40.57
N ALA C 55 22.89 -9.78 41.66
CA ALA C 55 22.46 -9.30 42.94
C ALA C 55 23.22 -8.02 43.19
N VAL C 56 22.47 -7.01 43.60
CA VAL C 56 23.06 -5.63 43.77
C VAL C 56 22.85 -4.96 45.10
N PHE C 57 21.83 -5.36 45.89
CA PHE C 57 21.54 -4.67 47.09
C PHE C 57 20.82 -5.61 48.03
N ASP C 58 21.09 -5.48 49.33
CA ASP C 58 20.38 -6.30 50.33
C ASP C 58 20.30 -5.58 51.64
N ALA C 59 19.07 -5.22 52.04
CA ALA C 59 18.79 -4.59 53.32
C ALA C 59 18.61 -5.50 54.50
N ILE C 60 18.55 -6.80 54.29
CA ILE C 60 18.21 -7.70 55.29
C ILE C 60 19.41 -8.05 56.21
N GLY C 61 20.58 -8.26 55.67
CA GLY C 61 21.77 -8.45 56.50
C GLY C 61 21.80 -9.82 57.14
N ASP C 62 21.17 -10.82 56.51
CA ASP C 62 21.27 -12.19 56.99
C ASP C 62 22.34 -13.03 56.35
N GLY C 63 23.17 -12.46 55.50
CA GLY C 63 24.12 -13.24 54.77
C GLY C 63 23.73 -13.79 53.42
N GLN C 64 22.50 -13.57 52.95
CA GLN C 64 22.14 -14.02 51.64
C GLN C 64 22.78 -13.19 50.51
N ASN C 65 23.21 -11.95 50.78
CA ASN C 65 23.79 -11.06 49.76
C ASN C 65 22.96 -10.95 48.46
N GLY C 66 21.68 -10.79 48.64
CA GLY C 66 20.75 -10.64 47.50
C GLY C 66 20.09 -11.91 47.00
N ASN C 67 20.61 -13.05 47.41
CA ASN C 67 19.97 -14.37 47.08
C ASN C 67 18.57 -14.47 47.74
N ASP C 68 17.70 -15.26 47.10
CA ASP C 68 16.37 -15.46 47.53
C ASP C 68 16.20 -16.75 48.36
N CYS C 69 15.76 -16.61 49.60
CA CYS C 69 15.43 -17.80 50.42
C CYS C 69 13.94 -17.97 50.63
N ASN C 70 13.13 -17.19 49.90
CA ASN C 70 11.72 -17.28 49.92
C ASN C 70 11.09 -17.88 48.67
N GLY C 71 11.50 -17.38 47.49
CA GLY C 71 10.99 -17.80 46.22
C GLY C 71 10.29 -16.70 45.48
N HIS C 72 9.59 -15.82 46.18
CA HIS C 72 8.76 -14.85 45.52
C HIS C 72 9.51 -13.96 44.54
N GLY C 73 10.66 -13.43 44.96
CA GLY C 73 11.44 -12.57 44.14
C GLY C 73 11.98 -13.25 42.86
N THR C 74 12.38 -14.51 42.97
CA THR C 74 12.79 -15.29 41.82
C THR C 74 11.66 -15.52 40.84
N HIS C 75 10.47 -15.80 41.37
CA HIS C 75 9.27 -16.02 40.56
C HIS C 75 8.88 -14.72 39.77
N VAL C 76 8.93 -13.59 40.50
CA VAL C 76 8.60 -12.29 39.93
C VAL C 76 9.63 -11.95 38.84
N ALA C 77 10.90 -12.14 39.16
CA ALA C 77 11.98 -11.89 38.18
C ALA C 77 11.78 -12.75 36.90
N GLY C 78 11.39 -13.99 37.15
CA GLY C 78 11.09 -14.98 36.08
C GLY C 78 9.98 -14.49 35.17
N THR C 79 8.96 -13.89 35.74
CA THR C 79 7.83 -13.38 34.93
C THR C 79 8.27 -12.14 34.11
N VAL C 80 9.09 -11.27 34.70
CA VAL C 80 9.64 -10.19 33.90
C VAL C 80 10.51 -10.70 32.74
N GLY C 81 11.45 -11.60 33.04
CA GLY C 81 12.54 -11.81 32.16
C GLY C 81 13.04 -13.22 31.95
N GLY C 82 12.34 -14.23 32.44
CA GLY C 82 12.79 -15.57 32.25
C GLY C 82 12.70 -16.01 30.79
N THR C 83 13.67 -16.83 30.35
CA THR C 83 13.58 -17.33 28.97
C THR C 83 12.25 -18.03 28.64
N VAL C 84 11.76 -18.93 29.49
CA VAL C 84 10.54 -19.65 29.21
C VAL C 84 9.34 -18.91 29.78
N TYR C 85 9.44 -18.41 31.01
CA TYR C 85 8.25 -17.88 31.70
C TYR C 85 8.13 -16.36 31.73
N GLY C 86 9.01 -15.70 31.02
CA GLY C 86 9.14 -14.27 31.06
C GLY C 86 8.62 -13.53 29.82
N VAL C 87 8.24 -12.26 30.05
CA VAL C 87 7.74 -11.37 29.00
C VAL C 87 8.88 -10.84 28.14
N ALA C 88 10.00 -10.41 28.76
CA ALA C 88 11.06 -9.68 28.08
C ALA C 88 12.31 -10.54 28.26
N LYS C 89 12.51 -11.43 27.28
CA LYS C 89 13.41 -12.55 27.45
C LYS C 89 14.91 -12.23 27.34
N SER C 90 15.27 -10.99 27.05
CA SER C 90 16.68 -10.58 27.10
C SER C 90 16.95 -9.41 28.06
N VAL C 91 15.98 -9.06 28.91
CA VAL C 91 16.21 -7.95 29.85
C VAL C 91 17.32 -8.27 30.82
N ARG C 92 18.00 -7.26 31.34
CA ARG C 92 18.89 -7.48 32.45
C ARG C 92 18.13 -7.35 33.74
N LEU C 93 18.41 -8.20 34.72
CA LEU C 93 17.72 -8.23 35.99
C LEU C 93 18.59 -7.99 37.15
N TYR C 94 18.10 -7.24 38.14
CA TYR C 94 18.90 -6.85 39.27
C TYR C 94 18.16 -7.12 40.58
N ALA C 95 18.77 -7.89 41.49
CA ALA C 95 18.09 -8.18 42.74
C ALA C 95 18.34 -7.09 43.77
N VAL C 96 17.22 -6.46 44.17
CA VAL C 96 17.25 -5.42 45.20
C VAL C 96 16.47 -5.97 46.35
N ARG C 97 17.17 -6.63 47.27
CA ARG C 97 16.52 -7.44 48.25
C ARG C 97 16.14 -6.64 49.46
N VAL C 98 14.85 -6.46 49.67
CA VAL C 98 14.35 -5.74 50.81
C VAL C 98 13.38 -6.53 51.69
N LEU C 99 13.09 -7.81 51.34
CA LEU C 99 12.20 -8.73 52.12
C LEU C 99 13.04 -9.98 52.43
N ASN C 100 12.77 -10.58 53.57
CA ASN C 100 13.61 -11.71 54.07
C ASN C 100 13.05 -13.09 53.61
N CYS C 101 13.44 -14.16 54.30
CA CYS C 101 12.99 -15.50 53.93
C CYS C 101 11.55 -15.71 54.05
N SER C 102 10.89 -14.93 54.90
CA SER C 102 9.49 -15.02 55.10
C SER C 102 8.71 -13.97 54.32
N GLY C 103 9.36 -13.27 53.42
CA GLY C 103 8.72 -12.20 52.67
C GLY C 103 8.37 -10.94 53.43
N SER C 104 9.11 -10.68 54.50
CA SER C 104 8.89 -9.59 55.44
C SER C 104 10.07 -8.66 55.45
N GLY C 105 9.84 -7.34 55.57
CA GLY C 105 10.96 -6.42 55.71
C GLY C 105 10.52 -5.09 56.34
N SER C 106 11.46 -4.41 56.94
CA SER C 106 11.19 -3.07 57.51
C SER C 106 10.79 -2.11 56.37
N ASN C 107 9.90 -1.18 56.71
CA ASN C 107 9.63 -0.05 55.85
C ASN C 107 10.93 0.69 55.55
N SER C 108 11.82 0.85 56.53
CA SER C 108 13.05 1.61 56.31
C SER C 108 13.88 0.92 55.23
N GLY C 109 13.94 -0.42 55.27
CA GLY C 109 14.76 -1.14 54.27
C GLY C 109 14.18 -1.08 52.84
N VAL C 110 12.85 -1.11 52.75
CA VAL C 110 12.21 -0.90 51.45
C VAL C 110 12.61 0.47 50.91
N ILE C 111 12.49 1.52 51.70
CA ILE C 111 12.93 2.83 51.25
C ILE C 111 14.37 2.83 50.81
N ALA C 112 15.24 2.17 51.55
CA ALA C 112 16.63 2.10 51.22
C ALA C 112 16.87 1.46 49.85
N GLY C 113 16.13 0.40 49.57
CA GLY C 113 16.25 -0.24 48.28
C GLY C 113 15.73 0.63 47.15
N VAL C 114 14.62 1.33 47.40
CA VAL C 114 14.11 2.27 46.35
C VAL C 114 15.12 3.39 46.09
N ASP C 115 15.69 3.92 47.19
CA ASP C 115 16.77 4.94 47.04
C ASP C 115 17.95 4.38 46.26
N TRP C 116 18.33 3.14 46.54
CA TRP C 116 19.45 2.56 45.80
C TRP C 116 19.16 2.55 44.28
N VAL C 117 17.95 2.09 43.94
CA VAL C 117 17.53 2.06 42.53
C VAL C 117 17.58 3.47 41.92
N ARG C 118 17.06 4.45 42.65
CA ARG C 118 17.12 5.87 42.16
C ARG C 118 18.57 6.27 41.84
N GLN C 119 19.47 5.96 42.74
CA GLN C 119 20.86 6.38 42.67
C GLN C 119 21.66 5.62 41.65
N ASN C 120 21.28 4.36 41.34
CA ASN C 120 22.21 3.42 40.63
C ASN C 120 21.57 2.88 39.34
N ALA C 121 20.25 3.04 39.12
CA ALA C 121 19.61 2.42 37.91
C ALA C 121 20.23 3.01 36.66
N ARG C 122 20.38 2.21 35.62
CA ARG C 122 20.91 2.62 34.34
C ARG C 122 19.68 2.65 33.45
N ARG C 123 19.39 3.78 32.90
CA ARG C 123 18.26 3.90 31.97
C ARG C 123 18.54 3.34 30.58
N PRO C 124 17.58 2.80 29.86
CA PRO C 124 16.18 2.67 30.25
C PRO C 124 15.96 1.63 31.37
N ALA C 125 15.15 1.99 32.32
CA ALA C 125 14.98 1.20 33.56
C ALA C 125 13.54 1.08 34.01
N VAL C 126 13.21 -0.10 34.56
N VAL C 126 13.18 -0.14 34.46
CA VAL C 126 11.88 -0.41 35.10
CA VAL C 126 11.94 -0.41 35.16
C VAL C 126 12.15 -1.07 36.43
C VAL C 126 12.28 -0.96 36.51
N ALA C 127 11.44 -0.64 37.45
CA ALA C 127 11.52 -1.23 38.80
C ALA C 127 10.21 -1.91 39.08
N ASN C 128 10.27 -3.08 39.67
CA ASN C 128 9.10 -3.88 40.03
C ASN C 128 8.97 -3.99 41.55
N MET C 129 7.82 -3.53 42.08
CA MET C 129 7.53 -3.68 43.53
C MET C 129 6.33 -4.52 43.80
N SER C 130 6.51 -5.81 43.84
CA SER C 130 5.46 -6.78 44.19
C SER C 130 5.35 -6.95 45.69
N LEU C 131 5.21 -5.81 46.37
CA LEU C 131 5.21 -5.79 47.87
C LEU C 131 4.42 -4.58 48.29
N GLY C 132 4.05 -4.55 49.54
CA GLY C 132 3.52 -3.27 50.08
C GLY C 132 3.14 -3.44 51.51
N GLY C 133 2.37 -2.48 51.98
CA GLY C 133 2.05 -2.44 53.43
C GLY C 133 1.09 -1.30 53.64
N GLY C 134 0.95 -0.95 54.90
CA GLY C 134 0.12 0.21 55.22
C GLY C 134 0.66 1.49 54.59
N ALA C 135 -0.24 2.45 54.46
CA ALA C 135 0.12 3.72 53.92
C ALA C 135 1.36 4.30 54.58
N SER C 136 2.26 4.85 53.78
CA SER C 136 3.51 5.42 54.21
C SER C 136 3.90 6.53 53.29
N SER C 137 3.75 7.77 53.78
CA SER C 137 4.23 8.92 53.00
C SER C 137 5.69 8.93 52.71
N ALA C 138 6.51 8.42 53.64
CA ALA C 138 7.88 8.31 53.43
C ALA C 138 8.19 7.37 52.25
N LEU C 139 7.54 6.23 52.19
CA LEU C 139 7.80 5.33 51.05
C LEU C 139 7.27 5.90 49.71
N ASP C 140 6.08 6.50 49.75
CA ASP C 140 5.53 7.18 48.54
C ASP C 140 6.49 8.21 48.06
N THR C 141 7.07 9.01 48.96
CA THR C 141 8.09 9.94 48.57
C THR C 141 9.34 9.35 47.87
N ALA C 142 9.87 8.27 48.48
CA ALA C 142 11.01 7.57 47.89
C ALA C 142 10.66 7.06 46.43
N VAL C 143 9.45 6.54 46.27
CA VAL C 143 9.04 6.04 45.00
C VAL C 143 8.86 7.17 43.99
N ASN C 144 8.24 8.26 44.46
CA ASN C 144 8.09 9.40 43.55
C ASN C 144 9.42 9.99 43.21
N ASN C 145 10.38 10.03 44.14
CA ASN C 145 11.71 10.52 43.78
C ASN C 145 12.38 9.68 42.70
N ALA C 146 12.19 8.37 42.78
CA ALA C 146 12.82 7.46 41.79
C ALA C 146 12.17 7.62 40.46
N ILE C 147 10.87 7.73 40.45
CA ILE C 147 10.14 7.98 39.20
C ILE C 147 10.56 9.31 38.61
N ASN C 148 10.80 10.34 39.43
CA ASN C 148 11.27 11.63 38.88
C ASN C 148 12.64 11.50 38.29
N ALA C 149 13.42 10.48 38.65
CA ALA C 149 14.69 10.21 38.02
C ALA C 149 14.57 9.42 36.66
N GLY C 150 13.36 9.14 36.21
CA GLY C 150 13.16 8.60 34.88
C GLY C 150 12.89 7.10 34.88
N ILE C 151 12.74 6.52 36.08
CA ILE C 151 12.52 5.05 36.22
C ILE C 151 11.06 4.66 36.29
N THR C 152 10.57 3.83 35.35
CA THR C 152 9.21 3.36 35.39
C THR C 152 9.03 2.39 36.57
N PHE C 153 7.97 2.52 37.36
CA PHE C 153 7.68 1.62 38.49
C PHE C 153 6.38 0.85 38.18
N ALA C 154 6.39 -0.47 38.38
CA ALA C 154 5.22 -1.31 38.33
C ALA C 154 4.97 -1.72 39.79
N LEU C 155 3.76 -1.49 40.29
CA LEU C 155 3.40 -1.63 41.70
C LEU C 155 2.25 -2.54 41.88
N ALA C 156 2.37 -3.53 42.74
CA ALA C 156 1.20 -4.40 43.01
C ALA C 156 0.06 -3.71 43.76
N ALA C 157 -1.19 -3.99 43.34
CA ALA C 157 -2.34 -3.30 44.02
C ALA C 157 -2.57 -3.84 45.45
N GLY C 158 -2.21 -5.08 45.67
CA GLY C 158 -2.45 -5.72 46.93
C GLY C 158 -3.61 -6.73 46.86
N ASN C 159 -3.69 -7.60 47.92
CA ASN C 159 -4.41 -8.82 47.88
C ASN C 159 -5.47 -8.93 49.03
N SER C 160 -6.10 -7.83 49.37
CA SER C 160 -7.04 -7.80 50.51
C SER C 160 -8.51 -7.58 50.06
N ASN C 161 -8.78 -7.61 48.75
CA ASN C 161 -10.13 -7.27 48.21
C ASN C 161 -10.62 -5.97 48.81
N ARG C 162 -9.78 -4.98 48.83
CA ARG C 162 -10.04 -3.64 49.36
C ARG C 162 -9.62 -2.57 48.35
N ASP C 163 -9.94 -1.31 48.65
CA ASP C 163 -9.53 -0.18 47.80
C ASP C 163 -8.04 -0.02 47.94
N ALA C 164 -7.30 -0.09 46.81
CA ALA C 164 -5.83 -0.01 46.78
C ALA C 164 -5.28 1.34 47.24
N CYS C 165 -6.11 2.40 47.27
CA CYS C 165 -5.65 3.69 47.62
C CYS C 165 -5.21 3.86 49.08
N GLN C 166 -5.55 2.88 49.90
CA GLN C 166 -5.17 2.88 51.32
C GLN C 166 -3.78 2.33 51.57
N PHE C 167 -3.11 1.82 50.55
CA PHE C 167 -1.82 1.13 50.75
C PHE C 167 -0.68 1.76 50.06
N SER C 168 0.56 1.58 50.57
CA SER C 168 1.75 2.06 49.94
C SER C 168 2.70 0.92 49.56
N PRO C 169 3.31 0.94 48.37
CA PRO C 169 3.28 2.04 47.38
C PRO C 169 2.13 2.03 46.38
N ALA C 170 1.12 1.15 46.50
CA ALA C 170 0.05 1.09 45.48
C ALA C 170 -0.60 2.43 45.18
N ARG C 171 -0.75 3.29 46.18
CA ARG C 171 -1.43 4.57 45.94
C ARG C 171 -0.61 5.62 45.28
N VAL C 172 0.66 5.36 44.92
CA VAL C 172 1.49 6.32 44.25
C VAL C 172 1.00 6.47 42.81
N THR C 173 0.43 7.61 42.48
CA THR C 173 -0.20 7.83 41.17
C THR C 173 0.70 7.67 39.98
N ALA C 174 1.93 8.15 40.11
CA ALA C 174 2.86 8.08 38.97
C ALA C 174 3.40 6.68 38.66
N GLY C 175 3.25 5.72 39.59
CA GLY C 175 3.65 4.34 39.28
C GLY C 175 2.52 3.60 38.67
N ILE C 176 2.79 2.55 37.92
CA ILE C 176 1.72 1.76 37.26
C ILE C 176 1.22 0.70 38.25
N THR C 177 -0.02 0.89 38.79
CA THR C 177 -0.50 0.01 39.86
C THR C 177 -1.36 -1.06 39.22
N VAL C 178 -1.12 -2.32 39.58
CA VAL C 178 -1.60 -3.47 38.85
C VAL C 178 -2.49 -4.38 39.69
N GLY C 179 -3.74 -4.57 39.24
CA GLY C 179 -4.62 -5.59 39.79
C GLY C 179 -4.42 -6.90 39.14
N ALA C 180 -5.05 -7.95 39.71
CA ALA C 180 -4.88 -9.31 39.21
C ALA C 180 -6.14 -9.91 38.61
N THR C 181 -5.98 -10.63 37.51
CA THR C 181 -7.09 -11.41 36.92
C THR C 181 -6.77 -12.90 36.88
N THR C 182 -7.84 -13.70 36.63
CA THR C 182 -7.77 -15.11 36.41
C THR C 182 -7.86 -15.44 34.92
N SER C 183 -7.62 -16.69 34.62
CA SER C 183 -7.59 -17.17 33.27
C SER C 183 -8.95 -17.04 32.56
N THR C 184 -10.02 -16.77 33.31
CA THR C 184 -11.32 -16.49 32.66
C THR C 184 -11.67 -15.04 32.53
N ASP C 185 -10.70 -14.17 32.81
CA ASP C 185 -10.84 -12.76 32.80
C ASP C 185 -11.65 -12.19 33.95
N ALA C 186 -11.87 -12.96 35.05
CA ALA C 186 -12.44 -12.37 36.24
C ALA C 186 -11.34 -11.64 37.05
N ARG C 187 -11.69 -10.55 37.74
CA ARG C 187 -10.77 -10.03 38.73
C ARG C 187 -10.57 -11.16 39.75
N ALA C 188 -9.35 -11.43 40.19
CA ALA C 188 -9.17 -12.47 41.18
C ALA C 188 -9.86 -12.07 42.46
N SER C 189 -10.28 -13.09 43.25
CA SER C 189 -11.11 -12.81 44.43
C SER C 189 -10.44 -11.92 45.48
N TYR C 190 -9.12 -12.06 45.58
CA TYR C 190 -8.25 -11.34 46.50
C TYR C 190 -7.82 -9.98 46.00
N SER C 191 -7.94 -9.71 44.67
CA SER C 191 -7.35 -8.46 44.20
C SER C 191 -7.94 -7.22 44.73
N ASN C 192 -7.07 -6.25 45.17
CA ASN C 192 -7.48 -4.96 45.45
C ASN C 192 -7.99 -4.28 44.14
N TYR C 193 -8.77 -3.22 44.35
CA TYR C 193 -9.53 -2.62 43.22
C TYR C 193 -9.55 -1.13 43.40
N GLY C 194 -10.19 -0.46 42.42
CA GLY C 194 -10.46 0.97 42.55
C GLY C 194 -9.62 1.94 41.71
N SER C 195 -9.75 3.21 41.99
CA SER C 195 -9.32 4.25 41.09
C SER C 195 -7.79 4.41 41.15
N CYS C 196 -7.10 3.79 42.14
CA CYS C 196 -5.62 3.85 42.17
C CYS C 196 -5.01 2.80 41.24
N LEU C 197 -5.77 1.84 40.74
CA LEU C 197 -5.25 0.88 39.78
C LEU C 197 -5.13 1.61 38.46
N ASP C 198 -4.11 1.26 37.72
CA ASP C 198 -4.03 1.67 36.28
C ASP C 198 -4.64 0.58 35.34
N LEU C 199 -4.51 -0.69 35.66
CA LEU C 199 -4.98 -1.80 34.85
C LEU C 199 -4.84 -3.12 35.59
N PHE C 200 -5.35 -4.18 34.98
CA PHE C 200 -5.16 -5.54 35.46
C PHE C 200 -4.18 -6.27 34.58
N ALA C 201 -3.66 -7.36 35.13
CA ALA C 201 -2.82 -8.28 34.40
C ALA C 201 -2.96 -9.68 35.05
N PRO C 202 -2.61 -10.75 34.31
CA PRO C 202 -2.79 -12.14 34.85
C PRO C 202 -2.06 -12.28 36.19
N GLY C 203 -2.78 -12.75 37.19
CA GLY C 203 -2.19 -12.86 38.53
C GLY C 203 -2.47 -14.16 39.26
N SER C 204 -3.50 -14.90 38.90
CA SER C 204 -3.80 -16.19 39.53
C SER C 204 -3.18 -17.31 38.79
N SER C 205 -2.57 -18.24 39.55
CA SER C 205 -1.99 -19.40 39.01
C SER C 205 -0.97 -19.17 37.90
N ILE C 206 0.02 -18.34 38.24
CA ILE C 206 1.09 -17.96 37.32
C ILE C 206 2.31 -18.83 37.57
N THR C 207 2.83 -19.43 36.51
CA THR C 207 4.00 -20.32 36.57
C THR C 207 5.24 -19.47 36.24
N SER C 208 6.26 -19.70 37.06
CA SER C 208 7.56 -19.02 36.86
C SER C 208 8.63 -19.76 37.68
N ALA C 209 9.86 -19.23 37.71
CA ALA C 209 10.95 -19.82 38.42
C ALA C 209 10.75 -19.93 39.91
N TRP C 210 11.43 -20.89 40.54
CA TRP C 210 11.44 -20.98 42.00
C TRP C 210 12.85 -21.24 42.49
N ILE C 211 13.01 -21.67 43.72
CA ILE C 211 14.32 -21.67 44.37
C ILE C 211 14.75 -23.02 44.86
N SER C 212 14.02 -24.08 44.55
CA SER C 212 14.45 -25.42 45.05
C SER C 212 15.56 -25.98 44.18
N SER C 213 15.75 -25.47 42.99
CA SER C 213 16.87 -25.86 42.12
C SER C 213 17.00 -24.81 41.00
N ASP C 214 18.04 -24.90 40.17
CA ASP C 214 18.18 -23.98 39.07
C ASP C 214 17.26 -24.23 37.90
N THR C 215 16.41 -25.29 37.94
CA THR C 215 15.35 -25.52 36.93
C THR C 215 14.00 -25.60 37.57
N SER C 216 13.85 -25.28 38.86
CA SER C 216 12.58 -25.41 39.57
C SER C 216 11.59 -24.36 39.15
N THR C 217 10.32 -24.72 39.28
CA THR C 217 9.22 -23.82 39.04
C THR C 217 8.19 -23.85 40.16
N ASN C 218 7.28 -22.86 40.16
CA ASN C 218 6.16 -22.83 41.05
C ASN C 218 5.02 -22.10 40.37
N THR C 219 3.79 -22.41 40.78
CA THR C 219 2.58 -21.82 40.22
C THR C 219 1.84 -21.24 41.39
N ILE C 220 1.81 -19.90 41.52
CA ILE C 220 1.23 -19.18 42.63
C ILE C 220 0.40 -17.98 42.16
N SER C 221 -0.23 -17.32 43.11
CA SER C 221 -1.23 -16.27 42.81
C SER C 221 -0.94 -15.00 43.62
N GLY C 222 -1.26 -13.86 43.04
CA GLY C 222 -1.24 -12.62 43.70
C GLY C 222 -1.15 -11.46 42.74
N THR C 223 -1.45 -10.25 43.26
CA THR C 223 -1.06 -9.04 42.52
C THR C 223 0.44 -8.99 42.33
N SER C 224 1.19 -9.65 43.18
CA SER C 224 2.64 -9.79 42.96
C SER C 224 3.03 -10.48 41.66
N MET C 225 2.15 -11.36 41.15
CA MET C 225 2.38 -12.09 39.90
C MET C 225 1.89 -11.29 38.70
N ALA C 226 0.92 -10.42 38.91
CA ALA C 226 0.38 -9.59 37.83
C ALA C 226 1.37 -8.49 37.47
N THR C 227 1.89 -7.89 38.52
CA THR C 227 2.78 -6.78 38.37
C THR C 227 3.96 -6.99 37.38
N PRO C 228 4.72 -8.06 37.51
CA PRO C 228 5.82 -8.29 36.61
C PRO C 228 5.46 -8.52 35.13
N HIS C 229 4.20 -8.88 34.85
CA HIS C 229 3.76 -8.93 33.45
C HIS C 229 3.79 -7.49 32.91
N VAL C 230 3.32 -6.51 33.71
CA VAL C 230 3.34 -5.13 33.34
C VAL C 230 4.79 -4.62 33.25
N ALA C 231 5.63 -4.93 34.24
CA ALA C 231 7.03 -4.55 34.18
C ALA C 231 7.70 -5.09 32.91
N GLY C 232 7.34 -6.30 32.56
CA GLY C 232 7.91 -6.91 31.36
C GLY C 232 7.47 -6.21 30.04
N VAL C 233 6.20 -5.87 29.95
CA VAL C 233 5.71 -5.07 28.80
C VAL C 233 6.35 -3.70 28.80
N ALA C 234 6.51 -3.06 29.95
CA ALA C 234 7.22 -1.80 29.96
C ALA C 234 8.62 -1.99 29.43
N ALA C 235 9.32 -3.06 29.76
CA ALA C 235 10.60 -3.29 29.19
C ALA C 235 10.57 -3.48 27.66
N LEU C 236 9.57 -4.16 27.15
CA LEU C 236 9.42 -4.28 25.66
C LEU C 236 9.24 -2.95 25.01
N TYR C 237 8.43 -2.11 25.65
CA TYR C 237 8.15 -0.76 25.15
C TYR C 237 9.42 0.08 25.21
N LEU C 238 10.15 0.00 26.34
CA LEU C 238 11.38 0.79 26.50
C LEU C 238 12.51 0.38 25.56
N GLN C 239 12.54 -0.87 25.09
CA GLN C 239 13.53 -1.28 24.12
C GLN C 239 13.40 -0.45 22.81
N SER C 240 12.17 -0.22 22.40
CA SER C 240 11.86 0.61 21.24
C SER C 240 11.91 2.07 21.54
N ASN C 241 11.69 2.47 22.81
CA ASN C 241 11.55 3.87 23.20
C ASN C 241 12.39 4.12 24.38
N PRO C 242 13.73 4.06 24.21
CA PRO C 242 14.56 4.06 25.42
C PRO C 242 14.61 5.37 26.20
N SER C 243 14.23 6.50 25.60
N SER C 243 14.25 6.49 25.58
CA SER C 243 14.14 7.77 26.32
CA SER C 243 14.15 7.76 26.26
C SER C 243 12.76 8.12 26.86
C SER C 243 12.83 8.04 26.96
N ALA C 244 11.80 7.19 26.82
CA ALA C 244 10.50 7.51 27.26
C ALA C 244 10.43 7.71 28.76
N SER C 245 9.76 8.78 29.14
CA SER C 245 9.57 9.08 30.56
C SER C 245 8.60 8.08 31.19
N PRO C 246 8.63 8.00 32.54
CA PRO C 246 7.57 7.18 33.18
C PRO C 246 6.16 7.54 32.83
N ALA C 247 5.85 8.85 32.72
CA ALA C 247 4.50 9.19 32.29
C ALA C 247 4.17 8.66 30.88
N THR C 248 5.12 8.75 29.95
CA THR C 248 4.94 8.22 28.58
C THR C 248 4.70 6.76 28.59
N VAL C 249 5.50 6.04 29.38
CA VAL C 249 5.33 4.61 29.40
C VAL C 249 4.00 4.23 30.01
N ARG C 250 3.63 4.85 31.11
CA ARG C 250 2.36 4.52 31.74
C ARG C 250 1.17 4.78 30.75
N ASN C 251 1.25 5.90 30.05
CA ASN C 251 0.21 6.21 29.06
C ASN C 251 0.17 5.17 27.93
N ALA C 252 1.33 4.65 27.51
CA ALA C 252 1.40 3.65 26.48
C ALA C 252 0.86 2.31 26.90
N ILE C 253 1.14 1.95 28.14
CA ILE C 253 0.65 0.69 28.68
C ILE C 253 -0.85 0.76 28.86
N VAL C 254 -1.33 1.79 29.51
CA VAL C 254 -2.75 1.96 29.71
C VAL C 254 -3.54 2.14 28.39
N GLY C 255 -2.96 2.92 27.51
CA GLY C 255 -3.57 3.25 26.23
C GLY C 255 -3.73 2.08 25.32
N ASN C 256 -2.89 1.05 25.43
CA ASN C 256 -2.91 -0.11 24.61
C ASN C 256 -3.74 -1.24 25.17
N ALA C 257 -4.14 -1.06 26.44
CA ALA C 257 -4.75 -2.17 27.15
C ALA C 257 -6.13 -2.52 26.56
N THR C 258 -6.54 -3.78 26.71
CA THR C 258 -7.85 -4.23 26.23
C THR C 258 -8.95 -3.76 27.16
N SER C 259 -9.95 -3.00 26.67
N SER C 259 -10.01 -3.20 26.59
CA SER C 259 -10.97 -2.44 27.53
CA SER C 259 -11.06 -2.58 27.35
C SER C 259 -12.23 -3.30 27.56
C SER C 259 -12.26 -3.52 27.56
N GLY C 260 -12.86 -3.46 28.76
CA GLY C 260 -14.17 -4.08 28.93
C GLY C 260 -14.23 -5.55 29.02
N VAL C 261 -13.09 -6.25 29.27
CA VAL C 261 -13.08 -7.69 29.34
C VAL C 261 -12.92 -8.23 30.76
N VAL C 262 -12.67 -7.36 31.75
CA VAL C 262 -12.48 -7.85 33.14
C VAL C 262 -13.85 -7.92 33.81
N SER C 263 -14.27 -9.09 34.25
CA SER C 263 -15.53 -9.21 35.01
C SER C 263 -15.33 -8.97 36.50
N ASN C 264 -16.37 -8.45 37.16
CA ASN C 264 -16.35 -8.03 38.55
C ASN C 264 -15.10 -7.20 38.93
N ALA C 265 -14.81 -6.19 38.13
CA ALA C 265 -13.60 -5.40 38.26
C ALA C 265 -13.51 -4.62 39.52
N GLY C 266 -14.68 -4.36 40.14
CA GLY C 266 -14.70 -3.57 41.33
C GLY C 266 -14.97 -2.12 41.14
N ARG C 267 -15.41 -1.53 42.23
CA ARG C 267 -15.93 -0.17 42.17
C ARG C 267 -14.81 0.75 41.81
N ARG C 268 -15.00 1.55 40.75
CA ARG C 268 -14.07 2.59 40.30
C ARG C 268 -12.78 2.06 39.63
N SER C 269 -12.71 0.77 39.42
CA SER C 269 -11.51 0.17 38.76
C SER C 269 -11.56 0.47 37.28
N PRO C 270 -10.40 0.73 36.70
CA PRO C 270 -10.37 0.80 35.23
C PRO C 270 -10.56 -0.59 34.63
N ASN C 271 -11.42 -0.74 33.66
CA ASN C 271 -11.68 -2.03 33.11
C ASN C 271 -10.76 -2.20 31.93
N LEU C 272 -9.51 -2.54 32.26
CA LEU C 272 -8.44 -2.63 31.31
C LEU C 272 -7.58 -3.83 31.66
N LEU C 273 -7.18 -4.58 30.59
CA LEU C 273 -6.30 -5.76 30.72
C LEU C 273 -5.05 -5.52 29.89
N LEU C 274 -3.91 -5.79 30.50
CA LEU C 274 -2.61 -5.60 29.81
C LEU C 274 -2.57 -6.28 28.48
N TYR C 275 -1.98 -5.57 27.50
CA TYR C 275 -1.86 -6.10 26.14
C TYR C 275 -0.49 -5.69 25.59
N SER C 276 0.24 -6.66 25.06
CA SER C 276 1.71 -6.51 24.84
C SER C 276 2.11 -6.06 23.41
N ASN C 277 1.15 -5.97 22.48
CA ASN C 277 1.45 -5.74 21.01
C ASN C 277 1.51 -4.25 20.71
N TYR C 278 2.69 -3.75 20.38
CA TYR C 278 2.98 -2.42 19.89
C TYR C 278 3.45 -2.52 18.43
N GLU C 279 2.89 -1.68 17.60
CA GLU C 279 3.22 -1.76 16.20
C GLU C 279 4.48 -0.93 15.96
N ASN C 280 5.12 -1.19 14.82
CA ASN C 280 6.31 -0.50 14.49
C ASN C 280 6.39 -0.17 12.98
N LEU C 281 7.16 0.84 12.63
CA LEU C 281 7.43 1.10 11.23
C LEU C 281 8.12 -0.09 10.59
N TYR C 282 7.82 -0.23 9.33
CA TYR C 282 8.55 -1.22 8.53
C TYR C 282 9.64 -0.50 7.61
CA CA D . -16.67 14.30 -50.86
CA CA E . 3.95 4.30 -37.62
S SO4 F . -10.39 15.65 -56.76
O1 SO4 F . -10.44 14.44 -55.88
O2 SO4 F . -10.22 16.92 -55.97
O3 SO4 F . -11.61 15.67 -57.56
O4 SO4 F . -9.21 15.56 -57.63
S SO4 G . 9.21 -1.53 -21.30
O1 SO4 G . 10.39 -2.18 -20.73
O2 SO4 G . 8.44 -0.95 -20.23
O3 SO4 G . 8.33 -2.54 -22.03
O4 SO4 G . 9.62 -0.40 -22.21
S SO4 H . 7.98 16.75 -20.58
O1 SO4 H . 6.84 17.50 -21.19
O2 SO4 H . 7.43 16.33 -19.33
O3 SO4 H . 9.09 17.67 -20.09
O4 SO4 H . 8.30 15.64 -21.45
S SO4 I . -9.47 21.99 -33.22
O1 SO4 I . -9.28 22.00 -31.77
O2 SO4 I . -10.18 20.75 -33.46
O3 SO4 I . -10.40 23.17 -33.46
O4 SO4 I . -8.22 22.35 -34.01
CA CA J . 12.35 4.38 -16.10
CA CA K . -3.04 -8.55 1.26
S SO4 L . 19.19 20.18 2.41
O1 SO4 L . 19.69 19.45 3.57
O2 SO4 L . 17.79 20.46 2.79
O3 SO4 L . 20.02 21.33 2.01
O4 SO4 L . 19.27 19.30 1.20
S SO4 M . -6.60 -10.14 18.92
O1 SO4 M . -5.46 -9.72 19.75
O2 SO4 M . -7.56 -10.85 19.81
O3 SO4 M . -7.27 -8.88 18.40
O4 SO4 M . -6.09 -11.03 17.90
S SO4 N . 14.64 -18.70 12.95
O1 SO4 N . 14.31 -17.70 14.02
O2 SO4 N . 15.48 -19.78 13.55
O3 SO4 N . 15.34 -18.02 11.90
O4 SO4 N . 13.46 -19.33 12.29
S SO4 O . 19.39 -5.82 0.46
O1 SO4 O . 19.09 -7.16 -0.27
O2 SO4 O . 19.16 -6.13 1.91
O3 SO4 O . 18.72 -4.42 0.15
O4 SO4 O . 20.86 -5.61 0.15
CA CA P . -1.74 -15.89 23.17
CA CA Q . -0.22 4.10 40.56
S SO4 R . 13.04 -29.16 41.46
O1 SO4 R . 13.67 -28.60 42.69
O2 SO4 R . 11.67 -28.56 41.65
O3 SO4 R . 13.57 -28.61 40.18
O4 SO4 R . 13.12 -30.60 41.55
#